data_2JXF
#
_entry.id   2JXF
#
_entity_poly.entity_id   1
_entity_poly.type   'polypeptide(L)'
_entity_poly.pdbx_seq_one_letter_code
;QTNWQKLEVFWAKHMWNFISGIQYLAGLST
;
_entity_poly.pdbx_strand_id   A
#
# COMPACT_ATOMS: atom_id res chain seq x y z
N GLN A 1 14.88 7.43 -16.50
CA GLN A 1 13.68 7.15 -15.65
C GLN A 1 12.92 8.43 -15.29
N THR A 2 11.67 8.27 -14.97
CA THR A 2 10.77 9.41 -14.60
C THR A 2 9.65 8.88 -13.68
N ASN A 3 8.41 8.99 -14.08
CA ASN A 3 7.24 8.50 -13.26
C ASN A 3 7.33 7.00 -12.92
N TRP A 4 8.10 6.25 -13.66
CA TRP A 4 8.27 4.78 -13.42
C TRP A 4 8.83 4.56 -12.01
N GLN A 5 9.88 5.26 -11.66
CA GLN A 5 10.47 5.11 -10.29
C GLN A 5 9.39 5.46 -9.26
N LYS A 6 8.60 6.49 -9.53
CA LYS A 6 7.51 6.88 -8.59
C LYS A 6 6.44 5.79 -8.56
N LEU A 7 6.19 5.09 -9.64
CA LEU A 7 5.14 4.01 -9.67
C LEU A 7 5.50 2.91 -8.65
N GLU A 8 6.77 2.58 -8.48
CA GLU A 8 7.13 1.53 -7.48
C GLU A 8 6.94 2.12 -6.08
N VAL A 9 7.31 3.37 -5.88
CA VAL A 9 7.12 4.02 -4.54
C VAL A 9 5.60 4.06 -4.31
N PHE A 10 4.86 4.42 -5.33
CA PHE A 10 3.36 4.51 -5.28
C PHE A 10 2.82 3.10 -4.96
N TRP A 11 3.33 2.10 -5.63
CA TRP A 11 2.91 0.67 -5.45
C TRP A 11 3.00 0.25 -3.98
N ALA A 12 4.15 0.39 -3.35
CA ALA A 12 4.28 -0.01 -1.92
C ALA A 12 3.37 0.82 -1.02
N LYS A 13 3.24 2.11 -1.27
CA LYS A 13 2.36 2.98 -0.44
C LYS A 13 0.92 2.43 -0.49
N HIS A 14 0.44 2.15 -1.68
CA HIS A 14 -0.93 1.60 -1.86
C HIS A 14 -0.98 0.18 -1.26
N MET A 15 0.02 -0.63 -1.55
CA MET A 15 0.08 -2.04 -1.02
C MET A 15 0.09 -2.01 0.51
N TRP A 16 0.82 -1.11 1.12
CA TRP A 16 0.87 -1.03 2.61
C TRP A 16 -0.50 -0.56 3.10
N ASN A 17 -1.16 0.31 2.37
CA ASN A 17 -2.52 0.79 2.79
C ASN A 17 -3.48 -0.41 2.79
N PHE A 18 -3.29 -1.34 1.87
CA PHE A 18 -4.15 -2.56 1.80
C PHE A 18 -3.90 -3.35 3.09
N ILE A 19 -2.65 -3.50 3.45
CA ILE A 19 -2.25 -4.24 4.69
C ILE A 19 -2.69 -3.46 5.94
N SER A 20 -2.57 -2.15 5.97
CA SER A 20 -2.98 -1.37 7.18
C SER A 20 -4.50 -1.49 7.39
N GLY A 21 -5.28 -1.49 6.34
CA GLY A 21 -6.77 -1.61 6.46
C GLY A 21 -7.12 -2.99 7.07
N ILE A 22 -6.51 -4.04 6.56
CA ILE A 22 -6.74 -5.43 7.08
C ILE A 22 -6.28 -5.47 8.55
N GLN A 23 -5.15 -4.88 8.86
CA GLN A 23 -4.64 -4.86 10.28
C GLN A 23 -5.62 -4.08 11.18
N TYR A 24 -6.10 -2.97 10.68
CA TYR A 24 -7.06 -2.11 11.42
C TYR A 24 -8.37 -2.88 11.63
N LEU A 25 -8.90 -3.45 10.57
CA LEU A 25 -10.18 -4.24 10.65
C LEU A 25 -9.99 -5.51 11.49
N ALA A 26 -8.83 -6.14 11.44
CA ALA A 26 -8.57 -7.38 12.24
C ALA A 26 -8.85 -7.10 13.72
N GLY A 27 -8.38 -5.98 14.23
CA GLY A 27 -8.61 -5.63 15.67
C GLY A 27 -9.99 -4.96 15.83
N LEU A 28 -10.55 -4.40 14.79
CA LEU A 28 -11.89 -3.72 14.87
C LEU A 28 -12.87 -4.41 13.90
N SER A 29 -13.08 -5.70 14.06
CA SER A 29 -14.02 -6.45 13.16
C SER A 29 -15.37 -6.70 13.86
N THR A 30 -16.25 -7.43 13.23
CA THR A 30 -17.60 -7.72 13.82
C THR A 30 -17.82 -9.25 13.86
N GLN A 1 12.98 12.67 -13.65
CA GLN A 1 11.69 12.00 -13.27
C GLN A 1 11.19 11.14 -14.44
N THR A 2 11.07 9.85 -14.21
CA THR A 2 10.58 8.91 -15.28
C THR A 2 9.68 7.83 -14.66
N ASN A 3 10.14 6.62 -14.49
CA ASN A 3 9.29 5.53 -13.89
C ASN A 3 9.29 5.58 -12.35
N TRP A 4 10.16 6.36 -11.75
CA TRP A 4 10.23 6.46 -10.26
C TRP A 4 8.90 7.01 -9.76
N GLN A 5 8.49 8.15 -10.24
CA GLN A 5 7.18 8.75 -9.81
C GLN A 5 6.07 7.72 -10.07
N LYS A 6 6.12 7.03 -11.19
CA LYS A 6 5.09 6.00 -11.51
C LYS A 6 5.20 4.86 -10.48
N LEU A 7 6.40 4.48 -10.09
CA LEU A 7 6.60 3.39 -9.09
C LEU A 7 6.06 3.87 -7.74
N GLU A 8 6.27 5.12 -7.36
CA GLU A 8 5.75 5.63 -6.05
C GLU A 8 4.23 5.45 -6.02
N VAL A 9 3.56 5.80 -7.10
CA VAL A 9 2.07 5.64 -7.18
C VAL A 9 1.74 4.15 -7.03
N PHE A 10 2.52 3.30 -7.66
CA PHE A 10 2.33 1.82 -7.59
C PHE A 10 2.64 1.35 -6.15
N TRP A 11 3.77 1.77 -5.63
CA TRP A 11 4.21 1.40 -4.25
C TRP A 11 3.19 1.86 -3.21
N ALA A 12 2.65 3.05 -3.33
CA ALA A 12 1.64 3.53 -2.34
C ALA A 12 0.43 2.60 -2.37
N LYS A 13 -0.06 2.25 -3.54
CA LYS A 13 -1.25 1.34 -3.66
C LYS A 13 -0.84 -0.04 -3.11
N HIS A 14 0.37 -0.48 -3.41
CA HIS A 14 0.89 -1.80 -2.93
C HIS A 14 0.96 -1.76 -1.39
N MET A 15 1.57 -0.72 -0.85
CA MET A 15 1.69 -0.57 0.63
C MET A 15 0.29 -0.42 1.22
N TRP A 16 -0.54 0.42 0.65
CA TRP A 16 -1.94 0.61 1.17
C TRP A 16 -2.69 -0.72 1.12
N ASN A 17 -2.40 -1.57 0.16
CA ASN A 17 -3.07 -2.90 0.06
C ASN A 17 -2.72 -3.71 1.32
N PHE A 18 -1.46 -3.65 1.72
CA PHE A 18 -0.97 -4.37 2.94
C PHE A 18 -1.79 -3.82 4.13
N ILE A 19 -2.04 -2.53 4.12
CA ILE A 19 -2.84 -1.86 5.19
C ILE A 19 -4.32 -2.23 5.03
N SER A 20 -4.83 -2.30 3.81
CA SER A 20 -6.27 -2.65 3.57
C SER A 20 -6.64 -3.98 4.25
N GLY A 21 -5.83 -5.01 4.11
CA GLY A 21 -6.12 -6.32 4.73
C GLY A 21 -6.09 -6.17 6.26
N ILE A 22 -5.09 -5.51 6.79
CA ILE A 22 -4.97 -5.30 8.26
C ILE A 22 -6.08 -4.35 8.75
N GLN A 23 -6.38 -3.29 8.03
CA GLN A 23 -7.45 -2.33 8.45
C GLN A 23 -8.80 -3.04 8.64
N TYR A 24 -9.00 -4.15 7.96
CA TYR A 24 -10.26 -4.94 8.06
C TYR A 24 -10.14 -5.87 9.28
N LEU A 25 -9.05 -6.58 9.42
CA LEU A 25 -8.87 -7.50 10.59
C LEU A 25 -8.64 -6.71 11.88
N ALA A 26 -7.75 -5.74 11.88
CA ALA A 26 -7.50 -4.93 13.11
C ALA A 26 -8.79 -4.20 13.49
N GLY A 27 -9.54 -3.73 12.53
CA GLY A 27 -10.83 -3.02 12.81
C GLY A 27 -11.90 -4.03 13.27
N LEU A 28 -11.86 -5.26 12.82
CA LEU A 28 -12.86 -6.29 13.24
C LEU A 28 -12.24 -7.21 14.31
N SER A 29 -11.69 -6.62 15.35
CA SER A 29 -11.07 -7.43 16.46
C SER A 29 -12.14 -7.78 17.49
N THR A 30 -13.14 -8.54 17.07
CA THR A 30 -14.29 -8.99 17.92
C THR A 30 -15.21 -7.82 18.27
N GLN A 1 -14.73 -7.67 15.21
CA GLN A 1 -14.14 -7.62 13.84
C GLN A 1 -15.21 -7.45 12.76
N THR A 2 -14.80 -6.87 11.64
CA THR A 2 -15.70 -6.60 10.48
C THR A 2 -14.85 -6.09 9.30
N ASN A 3 -15.24 -5.01 8.68
CA ASN A 3 -14.47 -4.44 7.53
C ASN A 3 -13.19 -3.73 8.00
N TRP A 4 -13.12 -3.34 9.25
CA TRP A 4 -11.91 -2.66 9.78
C TRP A 4 -10.73 -3.62 9.69
N GLN A 5 -10.85 -4.82 10.22
CA GLN A 5 -9.73 -5.82 10.14
C GLN A 5 -9.32 -6.00 8.67
N LYS A 6 -10.28 -6.02 7.76
CA LYS A 6 -9.96 -6.18 6.30
C LYS A 6 -9.30 -4.88 5.81
N LEU A 7 -9.77 -3.74 6.27
CA LEU A 7 -9.21 -2.41 5.88
C LEU A 7 -7.78 -2.29 6.40
N GLU A 8 -7.50 -2.77 7.59
CA GLU A 8 -6.11 -2.68 8.16
C GLU A 8 -5.15 -3.47 7.26
N VAL A 9 -5.52 -4.67 6.90
CA VAL A 9 -4.68 -5.52 5.99
C VAL A 9 -4.62 -4.80 4.64
N PHE A 10 -5.75 -4.33 4.16
CA PHE A 10 -5.84 -3.60 2.86
C PHE A 10 -4.94 -2.37 2.90
N TRP A 11 -5.01 -1.61 3.98
CA TRP A 11 -4.17 -0.37 4.12
C TRP A 11 -2.68 -0.69 4.01
N ALA A 12 -2.22 -1.76 4.61
CA ALA A 12 -0.77 -2.10 4.51
C ALA A 12 -0.42 -2.41 3.05
N LYS A 13 -1.28 -3.15 2.36
CA LYS A 13 -1.04 -3.48 0.92
C LYS A 13 -1.17 -2.18 0.11
N HIS A 14 -2.10 -1.32 0.47
CA HIS A 14 -2.31 -0.02 -0.23
C HIS A 14 -1.07 0.86 0.02
N MET A 15 -0.62 0.95 1.25
CA MET A 15 0.58 1.77 1.59
C MET A 15 1.80 1.11 0.92
N TRP A 16 1.86 -0.20 0.89
CA TRP A 16 3.00 -0.92 0.24
C TRP A 16 2.94 -0.60 -1.25
N ASN A 17 1.77 -0.69 -1.85
CA ASN A 17 1.64 -0.38 -3.30
C ASN A 17 2.03 1.09 -3.51
N PHE A 18 1.60 1.97 -2.64
CA PHE A 18 1.95 3.43 -2.73
C PHE A 18 3.48 3.51 -2.70
N ILE A 19 4.09 2.79 -1.78
CA ILE A 19 5.57 2.75 -1.63
C ILE A 19 6.22 2.15 -2.88
N SER A 20 5.64 1.09 -3.43
CA SER A 20 6.19 0.45 -4.67
C SER A 20 6.15 1.42 -5.86
N GLY A 21 5.12 2.22 -5.99
CA GLY A 21 5.04 3.19 -7.14
C GLY A 21 6.17 4.22 -7.00
N ILE A 22 6.36 4.75 -5.80
CA ILE A 22 7.45 5.76 -5.55
C ILE A 22 8.80 5.08 -5.81
N GLN A 23 9.01 3.91 -5.22
CA GLN A 23 10.29 3.16 -5.40
C GLN A 23 10.48 2.80 -6.88
N TYR A 24 9.42 2.43 -7.55
CA TYR A 24 9.50 2.06 -9.01
C TYR A 24 10.06 3.25 -9.80
N LEU A 25 9.61 4.45 -9.54
CA LEU A 25 10.12 5.64 -10.28
C LEU A 25 11.57 5.93 -9.86
N ALA A 26 11.88 5.84 -8.59
CA ALA A 26 13.27 6.09 -8.08
C ALA A 26 14.30 5.27 -8.86
N GLY A 27 14.00 4.02 -9.17
CA GLY A 27 14.95 3.15 -9.94
C GLY A 27 14.39 2.81 -11.33
N LEU A 28 13.34 3.44 -11.79
CA LEU A 28 12.74 3.15 -13.13
C LEU A 28 11.68 4.21 -13.49
N SER A 29 12.08 5.46 -13.62
CA SER A 29 11.12 6.56 -13.98
C SER A 29 11.32 6.95 -15.45
N THR A 30 10.45 6.49 -16.32
CA THR A 30 10.50 6.78 -17.78
C THR A 30 11.77 6.17 -18.41
N GLN A 1 12.85 5.33 -18.62
CA GLN A 1 12.90 5.90 -17.23
C GLN A 1 11.80 6.95 -17.03
N THR A 2 11.26 7.05 -15.84
CA THR A 2 10.18 8.04 -15.55
C THR A 2 10.18 8.44 -14.07
N ASN A 3 10.15 7.46 -13.20
CA ASN A 3 10.12 7.62 -11.71
C ASN A 3 8.67 7.82 -11.26
N TRP A 4 7.94 8.67 -11.93
CA TRP A 4 6.51 8.93 -11.59
C TRP A 4 5.75 7.63 -11.84
N GLN A 5 5.92 7.05 -13.01
CA GLN A 5 5.24 5.76 -13.35
C GLN A 5 5.62 4.70 -12.30
N LYS A 6 6.86 4.67 -11.87
CA LYS A 6 7.30 3.68 -10.84
C LYS A 6 6.71 4.09 -9.48
N LEU A 7 6.58 5.37 -9.21
CA LEU A 7 6.01 5.83 -7.92
C LEU A 7 4.51 5.44 -7.90
N GLU A 8 3.82 5.59 -9.00
CA GLU A 8 2.37 5.22 -9.05
C GLU A 8 2.23 3.71 -8.75
N VAL A 9 3.08 2.89 -9.32
CA VAL A 9 3.02 1.41 -9.07
C VAL A 9 3.33 1.22 -7.57
N PHE A 10 4.38 1.88 -7.11
CA PHE A 10 4.80 1.80 -5.66
C PHE A 10 3.62 2.27 -4.78
N TRP A 11 3.04 3.39 -5.14
CA TRP A 11 1.89 3.99 -4.40
C TRP A 11 0.74 2.98 -4.28
N ALA A 12 0.35 2.36 -5.37
CA ALA A 12 -0.77 1.37 -5.31
C ALA A 12 -0.43 0.26 -4.30
N LYS A 13 0.77 -0.26 -4.35
CA LYS A 13 1.20 -1.34 -3.39
C LYS A 13 1.25 -0.74 -1.97
N HIS A 14 1.73 0.48 -1.85
CA HIS A 14 1.82 1.18 -0.52
C HIS A 14 0.39 1.39 0.01
N MET A 15 -0.52 1.84 -0.83
CA MET A 15 -1.94 2.07 -0.40
C MET A 15 -2.53 0.70 -0.06
N TRP A 16 -2.34 -0.29 -0.90
CA TRP A 16 -2.88 -1.66 -0.63
C TRP A 16 -2.22 -2.18 0.66
N ASN A 17 -0.97 -1.89 0.87
CA ASN A 17 -0.24 -2.34 2.10
C ASN A 17 -0.94 -1.69 3.31
N PHE A 18 -1.26 -0.42 3.22
CA PHE A 18 -1.95 0.30 4.34
C PHE A 18 -3.25 -0.48 4.64
N ILE A 19 -3.95 -0.88 3.60
CA ILE A 19 -5.22 -1.65 3.71
C ILE A 19 -4.91 -2.99 4.41
N SER A 20 -3.82 -3.64 4.08
CA SER A 20 -3.44 -4.93 4.74
C SER A 20 -3.27 -4.74 6.25
N GLY A 21 -2.73 -3.61 6.68
CA GLY A 21 -2.54 -3.34 8.14
C GLY A 21 -3.92 -3.28 8.80
N ILE A 22 -4.83 -2.52 8.23
CA ILE A 22 -6.21 -2.40 8.80
C ILE A 22 -6.94 -3.75 8.61
N GLN A 23 -6.75 -4.41 7.49
CA GLN A 23 -7.41 -5.73 7.22
C GLN A 23 -7.00 -6.73 8.31
N TYR A 24 -5.73 -6.72 8.67
CA TYR A 24 -5.20 -7.63 9.73
C TYR A 24 -5.92 -7.33 11.05
N LEU A 25 -6.05 -6.06 11.40
CA LEU A 25 -6.75 -5.64 12.65
C LEU A 25 -8.25 -5.99 12.57
N ALA A 26 -8.86 -5.81 11.42
CA ALA A 26 -10.32 -6.12 11.24
C ALA A 26 -10.64 -7.55 11.72
N GLY A 27 -9.80 -8.50 11.40
CA GLY A 27 -10.01 -9.91 11.83
C GLY A 27 -9.24 -10.23 13.12
N LEU A 28 -8.20 -9.49 13.45
CA LEU A 28 -7.40 -9.72 14.69
C LEU A 28 -7.02 -8.36 15.29
N SER A 29 -7.98 -7.71 15.90
CA SER A 29 -7.75 -6.38 16.53
C SER A 29 -7.33 -6.52 18.00
N THR A 30 -8.08 -7.25 18.80
CA THR A 30 -7.75 -7.44 20.24
C THR A 30 -8.13 -8.86 20.70
N GLN A 1 17.50 12.49 -11.36
CA GLN A 1 16.47 11.94 -10.43
C GLN A 1 15.53 10.99 -11.17
N THR A 2 15.36 9.81 -10.62
CA THR A 2 14.48 8.77 -11.22
C THR A 2 13.46 8.36 -10.15
N ASN A 3 13.40 7.12 -9.73
CA ASN A 3 12.43 6.63 -8.69
C ASN A 3 10.96 6.84 -9.07
N TRP A 4 10.65 7.29 -10.26
CA TRP A 4 9.24 7.52 -10.70
C TRP A 4 8.69 6.11 -10.96
N GLN A 5 9.37 5.38 -11.81
CA GLN A 5 8.98 3.99 -12.17
C GLN A 5 8.74 3.19 -10.87
N LYS A 6 9.66 3.31 -9.93
CA LYS A 6 9.56 2.61 -8.61
C LYS A 6 8.40 3.22 -7.79
N LEU A 7 8.20 4.52 -7.84
CA LEU A 7 7.09 5.18 -7.07
C LEU A 7 5.73 4.68 -7.55
N GLU A 8 5.56 4.41 -8.83
CA GLU A 8 4.25 3.90 -9.36
C GLU A 8 4.00 2.49 -8.79
N VAL A 9 5.00 1.64 -8.85
CA VAL A 9 4.89 0.25 -8.31
C VAL A 9 4.68 0.38 -6.79
N PHE A 10 5.40 1.29 -6.17
CA PHE A 10 5.30 1.55 -4.70
C PHE A 10 3.88 2.04 -4.39
N TRP A 11 3.38 2.95 -5.20
CA TRP A 11 1.99 3.51 -5.01
C TRP A 11 0.96 2.38 -5.01
N ALA A 12 1.01 1.48 -5.96
CA ALA A 12 0.02 0.37 -6.00
C ALA A 12 0.13 -0.48 -4.73
N LYS A 13 1.33 -0.75 -4.26
CA LYS A 13 1.53 -1.56 -3.03
C LYS A 13 1.02 -0.72 -1.84
N HIS A 14 1.40 0.55 -1.79
CA HIS A 14 0.96 1.47 -0.69
C HIS A 14 -0.57 1.53 -0.69
N MET A 15 -1.18 1.69 -1.85
CA MET A 15 -2.68 1.75 -1.97
C MET A 15 -3.26 0.40 -1.54
N TRP A 16 -2.74 -0.69 -2.05
CA TRP A 16 -3.26 -2.04 -1.66
C TRP A 16 -3.00 -2.27 -0.16
N ASN A 17 -1.90 -1.76 0.36
CA ASN A 17 -1.56 -1.90 1.80
C ASN A 17 -2.67 -1.20 2.61
N PHE A 18 -3.16 -0.07 2.13
CA PHE A 18 -4.26 0.67 2.82
C PHE A 18 -5.47 -0.28 2.90
N ILE A 19 -5.73 -0.98 1.82
CA ILE A 19 -6.87 -1.95 1.76
C ILE A 19 -6.54 -3.11 2.72
N SER A 20 -5.31 -3.60 2.71
CA SER A 20 -4.89 -4.72 3.60
C SER A 20 -5.03 -4.29 5.07
N GLY A 21 -4.70 -3.06 5.39
CA GLY A 21 -4.82 -2.55 6.79
C GLY A 21 -6.30 -2.58 7.20
N ILE A 22 -7.16 -2.07 6.36
CA ILE A 22 -8.64 -2.06 6.65
C ILE A 22 -9.11 -3.52 6.78
N GLN A 23 -8.75 -4.35 5.82
CA GLN A 23 -9.13 -5.80 5.83
C GLN A 23 -8.61 -6.48 7.10
N TYR A 24 -7.39 -6.15 7.48
CA TYR A 24 -6.74 -6.72 8.70
C TYR A 24 -7.54 -6.31 9.95
N LEU A 25 -7.96 -5.07 10.04
CA LEU A 25 -8.75 -4.61 11.24
C LEU A 25 -10.08 -5.36 11.32
N ALA A 26 -10.71 -5.64 10.20
CA ALA A 26 -12.01 -6.37 10.21
C ALA A 26 -11.78 -7.78 10.80
N GLY A 27 -10.73 -8.44 10.40
CA GLY A 27 -10.41 -9.81 10.93
C GLY A 27 -9.83 -9.72 12.34
N LEU A 28 -9.07 -8.70 12.65
CA LEU A 28 -8.47 -8.54 14.01
C LEU A 28 -8.97 -7.22 14.63
N SER A 29 -10.26 -7.12 14.81
CA SER A 29 -10.88 -5.90 15.40
C SER A 29 -10.70 -5.87 16.93
N THR A 30 -9.55 -5.42 17.37
CA THR A 30 -9.24 -5.34 18.83
C THR A 30 -9.34 -3.88 19.30
N GLN A 1 -13.66 -11.45 16.52
CA GLN A 1 -12.88 -11.49 15.26
C GLN A 1 -12.88 -10.11 14.58
N THR A 2 -11.99 -9.24 14.99
CA THR A 2 -11.93 -7.88 14.39
C THR A 2 -10.96 -7.88 13.20
N ASN A 3 -9.79 -7.28 13.33
CA ASN A 3 -8.77 -7.21 12.23
C ASN A 3 -9.24 -6.36 11.04
N TRP A 4 -10.46 -5.86 11.03
CA TRP A 4 -10.99 -5.02 9.92
C TRP A 4 -10.24 -3.68 10.06
N GLN A 5 -10.30 -3.14 11.26
CA GLN A 5 -9.61 -1.85 11.60
C GLN A 5 -8.14 -1.96 11.15
N LYS A 6 -7.49 -3.06 11.45
CA LYS A 6 -6.07 -3.28 11.05
C LYS A 6 -5.98 -3.54 9.54
N LEU A 7 -6.90 -4.30 8.97
CA LEU A 7 -6.89 -4.60 7.50
C LEU A 7 -7.03 -3.33 6.66
N GLU A 8 -7.85 -2.37 7.06
CA GLU A 8 -8.01 -1.11 6.26
C GLU A 8 -6.66 -0.35 6.27
N VAL A 9 -6.06 -0.23 7.43
CA VAL A 9 -4.73 0.47 7.55
C VAL A 9 -3.72 -0.37 6.75
N PHE A 10 -3.77 -1.67 6.92
CA PHE A 10 -2.86 -2.63 6.19
C PHE A 10 -3.07 -2.46 4.68
N TRP A 11 -4.30 -2.37 4.24
CA TRP A 11 -4.60 -2.21 2.79
C TRP A 11 -3.93 -0.96 2.21
N ALA A 12 -4.06 0.17 2.86
CA ALA A 12 -3.42 1.42 2.32
C ALA A 12 -1.89 1.31 2.35
N LYS A 13 -1.32 0.56 3.28
CA LYS A 13 0.17 0.44 3.34
C LYS A 13 0.65 -0.25 2.05
N HIS A 14 0.05 -1.38 1.70
CA HIS A 14 0.46 -2.10 0.45
C HIS A 14 0.00 -1.28 -0.76
N MET A 15 -1.16 -0.66 -0.68
CA MET A 15 -1.68 0.18 -1.82
C MET A 15 -0.69 1.33 -2.06
N TRP A 16 -0.29 2.02 -1.00
CA TRP A 16 0.67 3.15 -1.17
C TRP A 16 2.00 2.60 -1.69
N ASN A 17 2.38 1.38 -1.34
CA ASN A 17 3.65 0.80 -1.86
C ASN A 17 3.53 0.68 -3.38
N PHE A 18 2.36 0.30 -3.88
CA PHE A 18 2.13 0.18 -5.35
C PHE A 18 2.38 1.58 -5.96
N ILE A 19 1.82 2.60 -5.34
CA ILE A 19 2.00 4.00 -5.82
C ILE A 19 3.48 4.41 -5.65
N SER A 20 4.12 4.01 -4.56
CA SER A 20 5.56 4.36 -4.33
C SER A 20 6.46 3.84 -5.46
N GLY A 21 6.23 2.63 -5.94
CA GLY A 21 7.05 2.05 -7.05
C GLY A 21 6.83 2.89 -8.32
N ILE A 22 5.58 3.18 -8.63
CA ILE A 22 5.26 4.00 -9.85
C ILE A 22 5.84 5.42 -9.63
N GLN A 23 5.64 5.99 -8.47
CA GLN A 23 6.17 7.35 -8.15
C GLN A 23 7.70 7.36 -8.23
N TYR A 24 8.33 6.31 -7.75
CA TYR A 24 9.82 6.20 -7.78
C TYR A 24 10.30 6.26 -9.24
N LEU A 25 9.64 5.54 -10.13
CA LEU A 25 10.02 5.54 -11.57
C LEU A 25 9.80 6.92 -12.19
N ALA A 26 8.78 7.64 -11.78
CA ALA A 26 8.49 9.00 -12.32
C ALA A 26 9.73 9.91 -12.19
N GLY A 27 10.43 9.83 -11.08
CA GLY A 27 11.65 10.65 -10.85
C GLY A 27 12.92 9.83 -11.10
N LEU A 28 12.87 8.52 -10.94
CA LEU A 28 14.03 7.62 -11.16
C LEU A 28 13.59 6.45 -12.05
N SER A 29 13.35 6.74 -13.31
CA SER A 29 12.91 5.70 -14.30
C SER A 29 13.94 4.57 -14.43
N THR A 30 13.47 3.35 -14.56
CA THR A 30 14.39 2.17 -14.71
C THR A 30 14.10 1.41 -16.01
N GLN A 1 -6.03 -9.29 11.76
CA GLN A 1 -6.94 -10.38 12.20
C GLN A 1 -8.40 -10.06 11.84
N THR A 2 -9.31 -10.95 12.15
CA THR A 2 -10.77 -10.78 11.85
C THR A 2 -11.00 -10.41 10.38
N ASN A 3 -11.40 -9.20 10.08
CA ASN A 3 -11.64 -8.75 8.67
C ASN A 3 -11.52 -7.22 8.57
N TRP A 4 -12.11 -6.49 9.48
CA TRP A 4 -12.02 -5.00 9.46
C TRP A 4 -10.54 -4.69 9.66
N GLN A 5 -9.95 -5.28 10.68
CA GLN A 5 -8.49 -5.09 10.98
C GLN A 5 -7.72 -5.53 9.72
N LYS A 6 -8.14 -6.62 9.11
CA LYS A 6 -7.50 -7.15 7.86
C LYS A 6 -7.61 -6.07 6.77
N LEU A 7 -8.77 -5.43 6.68
CA LEU A 7 -9.01 -4.35 5.68
C LEU A 7 -8.19 -3.12 6.06
N GLU A 8 -8.08 -2.80 7.33
CA GLU A 8 -7.28 -1.61 7.78
C GLU A 8 -5.83 -1.80 7.29
N VAL A 9 -5.26 -2.96 7.53
CA VAL A 9 -3.85 -3.26 7.09
C VAL A 9 -3.86 -3.28 5.55
N PHE A 10 -4.83 -3.97 4.97
CA PHE A 10 -4.97 -4.07 3.48
C PHE A 10 -5.05 -2.67 2.86
N TRP A 11 -5.79 -1.78 3.46
CA TRP A 11 -5.93 -0.39 2.93
C TRP A 11 -4.55 0.26 2.77
N ALA A 12 -3.72 0.14 3.79
CA ALA A 12 -2.36 0.74 3.69
C ALA A 12 -1.51 -0.04 2.68
N LYS A 13 -1.72 -1.33 2.52
CA LYS A 13 -0.93 -2.14 1.54
C LYS A 13 -1.13 -1.59 0.12
N HIS A 14 -2.35 -1.26 -0.25
CA HIS A 14 -2.62 -0.70 -1.62
C HIS A 14 -2.11 0.74 -1.66
N MET A 15 -2.34 1.52 -0.63
CA MET A 15 -1.85 2.94 -0.61
C MET A 15 -0.33 2.92 -0.65
N TRP A 16 0.29 2.08 0.15
CA TRP A 16 1.79 1.98 0.16
C TRP A 16 2.22 1.44 -1.21
N ASN A 17 1.49 0.51 -1.77
CA ASN A 17 1.86 -0.04 -3.13
C ASN A 17 1.89 1.12 -4.13
N PHE A 18 0.91 2.00 -4.06
CA PHE A 18 0.84 3.19 -4.98
C PHE A 18 2.13 4.00 -4.79
N ILE A 19 2.59 4.13 -3.57
CA ILE A 19 3.85 4.87 -3.25
C ILE A 19 5.07 4.02 -3.61
N SER A 20 5.04 2.71 -3.42
CA SER A 20 6.20 1.84 -3.76
C SER A 20 6.58 1.93 -5.25
N GLY A 21 5.63 2.00 -6.15
CA GLY A 21 5.95 2.10 -7.61
C GLY A 21 6.62 3.45 -7.87
N ILE A 22 6.05 4.51 -7.32
CA ILE A 22 6.63 5.88 -7.49
C ILE A 22 8.00 5.94 -6.80
N GLN A 23 8.11 5.39 -5.61
CA GLN A 23 9.42 5.38 -4.86
C GLN A 23 10.48 4.63 -5.66
N TYR A 24 10.13 3.53 -6.27
CA TYR A 24 11.08 2.72 -7.09
C TYR A 24 11.63 3.60 -8.22
N LEU A 25 10.76 4.31 -8.90
CA LEU A 25 11.19 5.21 -10.02
C LEU A 25 12.09 6.32 -9.48
N ALA A 26 11.79 6.87 -8.32
CA ALA A 26 12.61 7.96 -7.72
C ALA A 26 14.08 7.51 -7.58
N GLY A 27 14.32 6.30 -7.13
CA GLY A 27 15.72 5.78 -6.97
C GLY A 27 16.24 5.19 -8.29
N LEU A 28 15.39 4.89 -9.25
CA LEU A 28 15.84 4.30 -10.56
C LEU A 28 15.84 5.39 -11.65
N SER A 29 16.45 6.52 -11.37
CA SER A 29 16.50 7.64 -12.37
C SER A 29 17.68 7.42 -13.33
N THR A 30 18.85 7.10 -12.79
CA THR A 30 20.10 6.84 -13.58
C THR A 30 20.31 7.84 -14.74
N GLN A 1 13.93 7.02 -16.14
CA GLN A 1 12.88 6.25 -15.39
C GLN A 1 11.51 6.37 -16.07
N THR A 2 10.60 5.49 -15.76
CA THR A 2 9.23 5.52 -16.37
C THR A 2 8.18 5.18 -15.29
N ASN A 3 8.24 3.96 -14.79
CA ASN A 3 7.31 3.47 -13.74
C ASN A 3 7.99 3.31 -12.37
N TRP A 4 9.29 3.40 -12.32
CA TRP A 4 10.04 3.27 -11.02
C TRP A 4 9.58 4.41 -10.13
N GLN A 5 9.80 5.64 -10.55
CA GLN A 5 9.36 6.83 -9.74
C GLN A 5 7.89 6.65 -9.33
N LYS A 6 7.07 6.15 -10.22
CA LYS A 6 5.62 5.91 -9.93
C LYS A 6 5.50 4.81 -8.85
N LEU A 7 6.31 3.77 -8.95
CA LEU A 7 6.31 2.64 -7.97
C LEU A 7 6.67 3.16 -6.57
N GLU A 8 7.62 4.08 -6.46
CA GLU A 8 8.01 4.63 -5.13
C GLU A 8 6.81 5.37 -4.51
N VAL A 9 6.10 6.13 -5.31
CA VAL A 9 4.89 6.88 -4.81
C VAL A 9 3.83 5.81 -4.51
N PHE A 10 3.63 4.89 -5.43
CA PHE A 10 2.65 3.78 -5.28
C PHE A 10 2.97 2.96 -4.02
N TRP A 11 4.25 2.75 -3.77
CA TRP A 11 4.71 1.96 -2.59
C TRP A 11 4.04 2.41 -1.29
N ALA A 12 4.03 3.69 -0.98
CA ALA A 12 3.37 4.14 0.28
C ALA A 12 1.86 3.83 0.24
N LYS A 13 1.23 3.94 -0.91
CA LYS A 13 -0.24 3.64 -1.01
C LYS A 13 -0.47 2.17 -0.64
N HIS A 14 0.29 1.26 -1.24
CA HIS A 14 0.15 -0.20 -0.92
C HIS A 14 0.67 -0.45 0.50
N MET A 15 1.77 0.18 0.87
CA MET A 15 2.36 0.00 2.24
C MET A 15 1.31 0.40 3.28
N TRP A 16 0.67 1.54 3.11
CA TRP A 16 -0.37 1.97 4.07
C TRP A 16 -1.56 1.01 3.95
N ASN A 17 -1.88 0.54 2.76
CA ASN A 17 -3.01 -0.41 2.62
C ASN A 17 -2.66 -1.70 3.37
N PHE A 18 -1.40 -2.06 3.41
CA PHE A 18 -0.94 -3.28 4.15
C PHE A 18 -1.06 -3.05 5.67
N ILE A 19 -1.29 -1.83 6.09
CA ILE A 19 -1.42 -1.47 7.53
C ILE A 19 -2.89 -1.09 7.82
N SER A 20 -3.49 -0.26 7.01
CA SER A 20 -4.91 0.15 7.21
C SER A 20 -5.84 -0.97 6.70
N GLY A 21 -5.56 -1.50 5.54
CA GLY A 21 -6.39 -2.60 4.96
C GLY A 21 -6.35 -3.80 5.93
N ILE A 22 -5.19 -4.08 6.50
CA ILE A 22 -5.07 -5.23 7.46
C ILE A 22 -5.71 -4.85 8.80
N GLN A 23 -5.52 -3.64 9.31
CA GLN A 23 -6.14 -3.24 10.61
C GLN A 23 -7.67 -3.34 10.58
N TYR A 24 -8.27 -3.12 9.42
CA TYR A 24 -9.75 -3.20 9.30
C TYR A 24 -10.20 -4.62 9.68
N LEU A 25 -9.53 -5.63 9.16
CA LEU A 25 -9.89 -7.04 9.49
C LEU A 25 -9.32 -7.39 10.87
N ALA A 26 -8.13 -6.94 11.19
CA ALA A 26 -7.50 -7.23 12.52
C ALA A 26 -8.36 -6.70 13.69
N GLY A 27 -9.14 -5.66 13.47
CA GLY A 27 -10.00 -5.09 14.55
C GLY A 27 -11.50 -5.32 14.29
N LEU A 28 -11.91 -5.95 13.21
CA LEU A 28 -13.38 -6.18 12.97
C LEU A 28 -13.71 -7.61 12.49
N SER A 29 -12.82 -8.57 12.67
CA SER A 29 -13.10 -9.98 12.23
C SER A 29 -12.07 -10.98 12.79
N THR A 30 -12.53 -12.13 13.22
CA THR A 30 -11.61 -13.17 13.79
C THR A 30 -11.63 -14.44 12.91
N GLN A 1 -15.92 -11.99 11.27
CA GLN A 1 -16.47 -10.78 10.61
C GLN A 1 -15.95 -9.52 11.31
N THR A 2 -14.74 -9.14 10.97
CA THR A 2 -14.12 -7.93 11.58
C THR A 2 -13.45 -7.07 10.50
N ASN A 3 -13.78 -5.81 10.50
CA ASN A 3 -13.20 -4.85 9.50
C ASN A 3 -11.83 -4.33 9.92
N TRP A 4 -11.49 -4.40 11.19
CA TRP A 4 -10.15 -3.91 11.67
C TRP A 4 -9.07 -4.80 11.04
N GLN A 5 -9.31 -6.09 10.99
CA GLN A 5 -8.34 -7.05 10.38
C GLN A 5 -8.13 -6.64 8.92
N LYS A 6 -9.19 -6.25 8.24
CA LYS A 6 -9.10 -5.81 6.82
C LYS A 6 -8.26 -4.53 6.75
N LEU A 7 -8.47 -3.60 7.68
CA LEU A 7 -7.70 -2.32 7.70
C LEU A 7 -6.19 -2.62 7.84
N GLU A 8 -5.81 -3.57 8.66
CA GLU A 8 -4.37 -3.92 8.84
C GLU A 8 -3.80 -4.38 7.48
N VAL A 9 -4.54 -5.22 6.78
CA VAL A 9 -4.09 -5.72 5.44
C VAL A 9 -4.12 -4.53 4.47
N PHE A 10 -5.21 -3.79 4.48
CA PHE A 10 -5.40 -2.58 3.61
C PHE A 10 -4.26 -1.57 3.85
N TRP A 11 -3.94 -1.34 5.10
CA TRP A 11 -2.85 -0.39 5.51
C TRP A 11 -1.57 -0.58 4.69
N ALA A 12 -1.13 -1.82 4.52
CA ALA A 12 0.12 -2.07 3.74
C ALA A 12 -0.09 -1.66 2.28
N LYS A 13 -1.25 -1.94 1.70
CA LYS A 13 -1.51 -1.56 0.29
C LYS A 13 -1.46 -0.03 0.17
N HIS A 14 -1.96 0.68 1.16
CA HIS A 14 -1.94 2.18 1.13
C HIS A 14 -0.48 2.67 1.22
N MET A 15 0.28 2.14 2.15
CA MET A 15 1.72 2.55 2.30
C MET A 15 2.49 2.12 1.05
N TRP A 16 2.32 0.90 0.60
CA TRP A 16 3.03 0.42 -0.63
C TRP A 16 2.55 1.28 -1.82
N ASN A 17 1.30 1.69 -1.83
CA ASN A 17 0.77 2.52 -2.95
C ASN A 17 1.59 3.83 -2.98
N PHE A 18 1.95 4.35 -1.82
CA PHE A 18 2.77 5.60 -1.75
C PHE A 18 4.12 5.31 -2.43
N ILE A 19 4.65 4.13 -2.19
CA ILE A 19 5.95 3.73 -2.82
C ILE A 19 5.71 3.47 -4.31
N SER A 20 4.60 2.87 -4.67
CA SER A 20 4.27 2.59 -6.11
C SER A 20 4.28 3.89 -6.94
N GLY A 21 3.68 4.94 -6.45
CA GLY A 21 3.65 6.25 -7.19
C GLY A 21 5.08 6.77 -7.34
N ILE A 22 5.85 6.73 -6.27
CA ILE A 22 7.27 7.22 -6.31
C ILE A 22 8.06 6.32 -7.28
N GLN A 23 7.94 5.02 -7.14
CA GLN A 23 8.63 4.03 -8.02
C GLN A 23 8.22 4.24 -9.49
N TYR A 24 6.96 4.49 -9.71
CA TYR A 24 6.40 4.73 -11.07
C TYR A 24 6.98 6.02 -11.67
N LEU A 25 7.42 6.96 -10.87
CA LEU A 25 7.97 8.23 -11.43
C LEU A 25 9.46 8.11 -11.81
N ALA A 26 10.20 7.21 -11.22
CA ALA A 26 11.65 7.06 -11.58
C ALA A 26 11.78 6.10 -12.78
N GLY A 27 10.97 6.29 -13.79
CA GLY A 27 11.00 5.43 -15.01
C GLY A 27 9.89 4.37 -14.96
N LEU A 28 8.72 4.70 -14.46
CA LEU A 28 7.57 3.72 -14.36
C LEU A 28 7.94 2.42 -13.61
N SER A 29 9.00 2.44 -12.83
CA SER A 29 9.47 1.26 -12.04
C SER A 29 10.81 1.60 -11.40
N THR A 30 11.11 0.99 -10.27
CA THR A 30 12.40 1.22 -9.53
C THR A 30 12.71 2.72 -9.40
N GLN A 1 -5.30 -6.68 18.43
CA GLN A 1 -6.77 -6.93 18.56
C GLN A 1 -7.43 -7.09 17.18
N THR A 2 -8.41 -7.97 17.10
CA THR A 2 -9.19 -8.25 15.84
C THR A 2 -8.34 -8.92 14.75
N ASN A 3 -7.33 -8.23 14.26
CA ASN A 3 -6.40 -8.70 13.19
C ASN A 3 -7.03 -8.49 11.82
N TRP A 4 -8.24 -8.92 11.61
CA TRP A 4 -8.93 -8.73 10.29
C TRP A 4 -9.04 -7.21 10.01
N GLN A 5 -9.41 -6.45 11.01
CA GLN A 5 -9.53 -4.96 10.85
C GLN A 5 -8.13 -4.41 10.51
N LYS A 6 -7.10 -4.96 11.12
CA LYS A 6 -5.70 -4.51 10.85
C LYS A 6 -5.28 -5.01 9.46
N LEU A 7 -5.73 -6.18 9.05
CA LEU A 7 -5.39 -6.75 7.70
C LEU A 7 -5.98 -5.88 6.59
N GLU A 8 -7.16 -5.34 6.78
CA GLU A 8 -7.79 -4.47 5.72
C GLU A 8 -6.93 -3.20 5.57
N VAL A 9 -6.56 -2.61 6.69
CA VAL A 9 -5.71 -1.37 6.66
C VAL A 9 -4.34 -1.79 6.10
N PHE A 10 -3.83 -2.91 6.55
CA PHE A 10 -2.52 -3.45 6.08
C PHE A 10 -2.56 -3.67 4.56
N TRP A 11 -3.63 -4.23 4.05
CA TRP A 11 -3.75 -4.49 2.58
C TRP A 11 -3.62 -3.18 1.80
N ALA A 12 -4.33 -2.15 2.19
CA ALA A 12 -4.23 -0.85 1.48
C ALA A 12 -2.84 -0.22 1.66
N LYS A 13 -2.16 -0.50 2.74
CA LYS A 13 -0.79 0.07 2.98
C LYS A 13 0.15 -0.46 1.88
N HIS A 14 0.14 -1.75 1.63
CA HIS A 14 1.00 -2.35 0.58
C HIS A 14 0.46 -1.89 -0.78
N MET A 15 -0.84 -1.93 -0.95
CA MET A 15 -1.49 -1.49 -2.23
C MET A 15 -1.14 -0.02 -2.52
N TRP A 16 -1.22 0.85 -1.54
CA TRP A 16 -0.88 2.29 -1.78
C TRP A 16 0.60 2.39 -2.12
N ASN A 17 1.44 1.52 -1.57
CA ASN A 17 2.90 1.56 -1.90
C ASN A 17 3.05 1.27 -3.39
N PHE A 18 2.24 0.38 -3.92
CA PHE A 18 2.28 0.04 -5.39
C PHE A 18 1.94 1.33 -6.15
N ILE A 19 0.89 2.01 -5.74
CA ILE A 19 0.48 3.29 -6.39
C ILE A 19 1.57 4.35 -6.17
N SER A 20 2.22 4.39 -5.03
CA SER A 20 3.29 5.40 -4.77
C SER A 20 4.47 5.19 -5.74
N GLY A 21 4.82 3.97 -6.06
CA GLY A 21 5.95 3.72 -7.01
C GLY A 21 5.54 4.26 -8.39
N ILE A 22 4.33 3.97 -8.80
CA ILE A 22 3.82 4.46 -10.13
C ILE A 22 3.76 6.00 -10.07
N GLN A 23 3.17 6.54 -9.03
CA GLN A 23 3.06 8.03 -8.85
C GLN A 23 4.45 8.67 -8.80
N TYR A 24 5.38 8.04 -8.12
CA TYR A 24 6.78 8.56 -8.00
C TYR A 24 7.38 8.70 -9.40
N LEU A 25 7.23 7.69 -10.23
CA LEU A 25 7.77 7.73 -11.62
C LEU A 25 7.03 8.81 -12.44
N ALA A 26 5.74 8.97 -12.23
CA ALA A 26 4.96 10.01 -12.98
C ALA A 26 5.54 11.40 -12.76
N GLY A 27 6.06 11.68 -11.59
CA GLY A 27 6.66 13.01 -11.29
C GLY A 27 8.18 13.03 -11.55
N LEU A 28 8.88 11.93 -11.41
CA LEU A 28 10.36 11.91 -11.65
C LEU A 28 10.75 11.20 -12.96
N SER A 29 9.85 11.02 -13.89
CA SER A 29 10.14 10.34 -15.20
C SER A 29 10.67 8.91 -15.01
N THR A 30 11.32 8.35 -16.01
CA THR A 30 11.86 6.95 -15.90
C THR A 30 13.26 6.96 -15.27
N GLN A 1 -15.69 -12.33 14.10
CA GLN A 1 -16.28 -11.55 12.95
C GLN A 1 -15.62 -10.17 12.78
N THR A 2 -14.42 -9.96 13.27
CA THR A 2 -13.75 -8.64 13.12
C THR A 2 -12.90 -8.62 11.85
N ASN A 3 -13.11 -7.63 11.03
CA ASN A 3 -12.33 -7.50 9.76
C ASN A 3 -11.40 -6.27 9.78
N TRP A 4 -11.64 -5.32 10.64
CA TRP A 4 -10.77 -4.10 10.73
C TRP A 4 -9.34 -4.57 11.05
N GLN A 5 -9.22 -5.54 11.95
CA GLN A 5 -7.88 -6.10 12.34
C GLN A 5 -7.10 -6.50 11.07
N LYS A 6 -7.75 -7.22 10.19
CA LYS A 6 -7.10 -7.66 8.92
C LYS A 6 -6.97 -6.44 7.98
N LEU A 7 -7.97 -5.59 7.94
CA LEU A 7 -7.95 -4.37 7.08
C LEU A 7 -6.76 -3.47 7.44
N GLU A 8 -6.34 -3.40 8.69
CA GLU A 8 -5.17 -2.54 9.07
C GLU A 8 -3.90 -3.21 8.49
N VAL A 9 -3.77 -4.50 8.67
CA VAL A 9 -2.59 -5.26 8.11
C VAL A 9 -2.65 -5.13 6.59
N PHE A 10 -3.83 -5.13 6.03
CA PHE A 10 -4.04 -5.00 4.55
C PHE A 10 -3.69 -3.55 4.18
N TRP A 11 -4.18 -2.59 4.94
CA TRP A 11 -3.94 -1.14 4.71
C TRP A 11 -2.45 -0.84 4.53
N ALA A 12 -1.62 -1.18 5.49
CA ALA A 12 -0.16 -0.90 5.34
C ALA A 12 0.39 -1.53 4.04
N LYS A 13 -0.02 -2.74 3.71
CA LYS A 13 0.47 -3.40 2.46
C LYS A 13 -0.11 -2.66 1.25
N HIS A 14 -1.37 -2.27 1.33
CA HIS A 14 -2.04 -1.53 0.22
C HIS A 14 -1.41 -0.13 0.09
N MET A 15 -1.32 0.60 1.18
CA MET A 15 -0.72 1.97 1.18
C MET A 15 0.76 1.88 0.78
N TRP A 16 1.49 0.90 1.26
CA TRP A 16 2.94 0.78 0.89
C TRP A 16 3.01 0.49 -0.62
N ASN A 17 2.09 -0.29 -1.14
CA ASN A 17 2.08 -0.61 -2.60
C ASN A 17 1.84 0.71 -3.37
N PHE A 18 0.93 1.52 -2.89
CA PHE A 18 0.62 2.85 -3.53
C PHE A 18 1.93 3.66 -3.61
N ILE A 19 2.74 3.55 -2.58
CA ILE A 19 4.06 4.25 -2.51
C ILE A 19 5.01 3.62 -3.54
N SER A 20 5.05 2.31 -3.64
CA SER A 20 5.94 1.62 -4.63
C SER A 20 5.62 2.08 -6.06
N GLY A 21 4.35 2.27 -6.37
CA GLY A 21 3.95 2.72 -7.74
C GLY A 21 4.47 4.16 -7.96
N ILE A 22 4.25 5.04 -7.01
CA ILE A 22 4.74 6.45 -7.14
C ILE A 22 6.27 6.46 -7.20
N GLN A 23 6.92 5.68 -6.37
CA GLN A 23 8.43 5.60 -6.37
C GLN A 23 8.97 5.21 -7.76
N TYR A 24 8.24 4.37 -8.45
CA TYR A 24 8.64 3.91 -9.82
C TYR A 24 8.37 4.96 -10.92
N LEU A 25 7.60 6.00 -10.65
CA LEU A 25 7.33 7.03 -11.70
C LEU A 25 7.81 8.42 -11.26
N ALA A 26 7.44 8.88 -10.09
CA ALA A 26 7.88 10.23 -9.60
C ALA A 26 9.42 10.31 -9.57
N GLY A 27 10.11 9.21 -9.35
CA GLY A 27 11.60 9.22 -9.32
C GLY A 27 12.21 8.49 -10.52
N LEU A 28 11.44 8.11 -11.52
CA LEU A 28 12.00 7.38 -12.71
C LEU A 28 11.63 8.14 -14.00
N SER A 29 11.63 9.46 -13.94
CA SER A 29 11.30 10.31 -15.13
C SER A 29 11.81 11.74 -14.89
N THR A 30 11.33 12.40 -13.87
CA THR A 30 11.77 13.79 -13.55
C THR A 30 12.15 13.96 -12.07
N GLN A 1 -13.15 -10.71 14.24
CA GLN A 1 -13.81 -9.92 13.16
C GLN A 1 -14.33 -8.60 13.73
N THR A 2 -13.65 -7.53 13.43
CA THR A 2 -14.04 -6.16 13.91
C THR A 2 -13.44 -5.12 12.94
N ASN A 3 -12.59 -4.24 13.41
CA ASN A 3 -11.97 -3.20 12.53
C ASN A 3 -10.87 -3.81 11.63
N TRP A 4 -10.44 -5.02 11.92
CA TRP A 4 -9.39 -5.71 11.09
C TRP A 4 -9.87 -5.76 9.64
N GLN A 5 -11.12 -6.11 9.41
CA GLN A 5 -11.68 -6.17 8.01
C GLN A 5 -11.43 -4.81 7.33
N LYS A 6 -11.73 -3.74 8.02
CA LYS A 6 -11.51 -2.35 7.47
C LYS A 6 -10.00 -2.08 7.36
N LEU A 7 -9.23 -2.52 8.35
CA LEU A 7 -7.75 -2.32 8.36
C LEU A 7 -7.08 -3.08 7.20
N GLU A 8 -7.56 -4.24 6.84
CA GLU A 8 -6.94 -5.02 5.71
C GLU A 8 -7.18 -4.24 4.41
N VAL A 9 -8.37 -3.71 4.21
CA VAL A 9 -8.67 -2.91 2.97
C VAL A 9 -7.79 -1.66 3.05
N PHE A 10 -7.75 -1.05 4.22
CA PHE A 10 -6.92 0.18 4.45
C PHE A 10 -5.45 -0.18 4.15
N TRP A 11 -5.01 -1.30 4.65
CA TRP A 11 -3.61 -1.79 4.45
C TRP A 11 -3.31 -1.89 2.95
N ALA A 12 -4.15 -2.55 2.20
CA ALA A 12 -3.93 -2.71 0.73
C ALA A 12 -3.74 -1.34 0.06
N LYS A 13 -4.51 -0.35 0.47
CA LYS A 13 -4.39 1.03 -0.11
C LYS A 13 -2.98 1.56 0.21
N HIS A 14 -2.53 1.38 1.44
CA HIS A 14 -1.18 1.84 1.85
C HIS A 14 -0.10 0.99 1.15
N MET A 15 -0.30 -0.31 1.09
CA MET A 15 0.69 -1.21 0.42
C MET A 15 0.73 -0.86 -1.08
N TRP A 16 -0.40 -0.68 -1.72
CA TRP A 16 -0.42 -0.33 -3.17
C TRP A 16 0.16 1.08 -3.33
N ASN A 17 -0.03 1.95 -2.35
CA ASN A 17 0.52 3.33 -2.42
C ASN A 17 2.04 3.19 -2.41
N PHE A 18 2.57 2.34 -1.56
CA PHE A 18 4.05 2.10 -1.50
C PHE A 18 4.49 1.61 -2.89
N ILE A 19 3.74 0.68 -3.45
CA ILE A 19 4.04 0.11 -4.80
C ILE A 19 3.96 1.22 -5.86
N SER A 20 2.96 2.08 -5.80
CA SER A 20 2.84 3.18 -6.80
C SER A 20 3.99 4.18 -6.64
N GLY A 21 4.49 4.38 -5.45
CA GLY A 21 5.63 5.33 -5.22
C GLY A 21 6.90 4.74 -5.81
N ILE A 22 7.19 3.49 -5.54
CA ILE A 22 8.42 2.82 -6.08
C ILE A 22 8.36 2.81 -7.62
N GLN A 23 7.21 2.61 -8.21
CA GLN A 23 7.09 2.59 -9.70
C GLN A 23 7.59 3.90 -10.34
N TYR A 24 7.53 4.98 -9.60
CA TYR A 24 8.01 6.31 -10.12
C TYR A 24 9.53 6.29 -10.33
N LEU A 25 10.27 5.60 -9.49
CA LEU A 25 11.76 5.54 -9.63
C LEU A 25 12.17 4.19 -10.24
N ALA A 26 11.66 3.08 -9.76
CA ALA A 26 12.01 1.75 -10.32
C ALA A 26 11.58 1.68 -11.80
N GLY A 27 10.45 2.28 -12.12
CA GLY A 27 9.94 2.28 -13.51
C GLY A 27 10.45 3.51 -14.28
N LEU A 28 10.83 4.59 -13.62
CA LEU A 28 11.33 5.80 -14.35
C LEU A 28 12.72 6.27 -13.86
N SER A 29 13.66 5.35 -13.74
CA SER A 29 15.06 5.66 -13.30
C SER A 29 15.17 6.24 -11.88
N THR A 30 16.40 6.31 -11.38
CA THR A 30 16.75 6.84 -10.02
C THR A 30 16.50 5.79 -8.92
N GLN A 1 15.14 9.67 -14.58
CA GLN A 1 14.39 9.86 -13.30
C GLN A 1 13.23 10.85 -13.50
N THR A 2 12.06 10.49 -13.04
CA THR A 2 10.84 11.35 -13.17
C THR A 2 9.81 10.91 -12.11
N ASN A 3 8.66 10.43 -12.49
CA ASN A 3 7.62 9.98 -11.50
C ASN A 3 7.95 8.62 -10.86
N TRP A 4 9.02 7.96 -11.28
CA TRP A 4 9.39 6.63 -10.69
C TRP A 4 9.58 6.80 -9.17
N GLN A 5 10.29 7.82 -8.75
CA GLN A 5 10.50 8.06 -7.27
C GLN A 5 9.14 8.06 -6.54
N LYS A 6 8.15 8.70 -7.12
CA LYS A 6 6.78 8.76 -6.52
C LYS A 6 6.17 7.36 -6.53
N LEU A 7 6.38 6.59 -7.58
CA LEU A 7 5.84 5.20 -7.68
C LEU A 7 6.54 4.31 -6.64
N GLU A 8 7.81 4.53 -6.37
CA GLU A 8 8.54 3.71 -5.37
C GLU A 8 7.92 3.95 -3.98
N VAL A 9 7.69 5.21 -3.64
CA VAL A 9 7.07 5.56 -2.32
C VAL A 9 5.63 5.00 -2.34
N PHE A 10 4.95 5.17 -3.46
CA PHE A 10 3.56 4.66 -3.63
C PHE A 10 3.55 3.13 -3.49
N TRP A 11 4.50 2.46 -4.09
CA TRP A 11 4.62 0.97 -4.05
C TRP A 11 4.41 0.40 -2.65
N ALA A 12 5.19 0.82 -1.68
CA ALA A 12 5.01 0.27 -0.29
C ALA A 12 3.69 0.77 0.32
N LYS A 13 3.31 2.01 0.08
CA LYS A 13 2.04 2.56 0.64
C LYS A 13 0.86 1.77 0.04
N HIS A 14 0.87 1.56 -1.26
CA HIS A 14 -0.20 0.79 -1.96
C HIS A 14 -0.16 -0.66 -1.46
N MET A 15 1.02 -1.23 -1.34
CA MET A 15 1.16 -2.65 -0.86
C MET A 15 0.64 -2.72 0.58
N TRP A 16 1.03 -1.79 1.44
CA TRP A 16 0.55 -1.81 2.85
C TRP A 16 -0.97 -1.56 2.84
N ASN A 17 -1.47 -0.78 1.88
CA ASN A 17 -2.94 -0.52 1.80
C ASN A 17 -3.65 -1.86 1.53
N PHE A 18 -3.03 -2.74 0.75
CA PHE A 18 -3.62 -4.08 0.45
C PHE A 18 -3.75 -4.82 1.80
N ILE A 19 -2.71 -4.75 2.61
CA ILE A 19 -2.69 -5.40 3.95
C ILE A 19 -3.72 -4.67 4.84
N SER A 20 -3.74 -3.36 4.82
CA SER A 20 -4.71 -2.57 5.65
C SER A 20 -6.16 -2.97 5.33
N GLY A 21 -6.49 -3.18 4.08
CA GLY A 21 -7.87 -3.59 3.69
C GLY A 21 -8.18 -4.96 4.29
N ILE A 22 -7.31 -5.93 4.09
CA ILE A 22 -7.51 -7.30 4.65
C ILE A 22 -7.51 -7.24 6.18
N GLN A 23 -6.63 -6.46 6.78
CA GLN A 23 -6.58 -6.34 8.27
C GLN A 23 -7.93 -5.90 8.82
N TYR A 24 -8.59 -5.01 8.12
CA TYR A 24 -9.93 -4.51 8.56
C TYR A 24 -10.98 -5.58 8.21
N LEU A 25 -10.89 -6.17 7.05
CA LEU A 25 -11.85 -7.24 6.64
C LEU A 25 -11.74 -8.51 7.50
N ALA A 26 -10.68 -8.68 8.25
CA ALA A 26 -10.51 -9.88 9.12
C ALA A 26 -11.33 -9.77 10.42
N GLY A 27 -12.56 -9.34 10.33
CA GLY A 27 -13.46 -9.20 11.50
C GLY A 27 -13.53 -7.74 11.97
N LEU A 28 -13.47 -6.78 11.07
CA LEU A 28 -13.53 -5.32 11.45
C LEU A 28 -12.47 -5.00 12.52
N SER A 29 -11.27 -5.49 12.33
CA SER A 29 -10.16 -5.24 13.31
C SER A 29 -9.51 -3.88 13.04
N THR A 30 -9.03 -3.23 14.08
CA THR A 30 -8.36 -1.88 13.96
C THR A 30 -9.35 -0.86 13.36
N GLN A 1 15.37 10.06 -13.52
CA GLN A 1 14.17 9.80 -12.67
C GLN A 1 12.89 10.19 -13.41
N THR A 2 11.91 9.31 -13.44
CA THR A 2 10.61 9.58 -14.14
C THR A 2 9.48 8.94 -13.33
N ASN A 3 8.86 7.88 -13.80
CA ASN A 3 7.75 7.24 -13.02
C ASN A 3 8.30 6.21 -12.02
N TRP A 4 9.61 6.08 -11.88
CA TRP A 4 10.17 5.10 -10.90
C TRP A 4 9.87 5.67 -9.52
N GLN A 5 10.31 6.89 -9.26
CA GLN A 5 10.05 7.55 -7.93
C GLN A 5 8.55 7.44 -7.62
N LYS A 6 7.71 7.67 -8.61
CA LYS A 6 6.23 7.57 -8.44
C LYS A 6 5.83 6.10 -8.21
N LEU A 7 6.34 5.18 -9.00
CA LEU A 7 6.04 3.73 -8.86
C LEU A 7 6.52 3.21 -7.50
N GLU A 8 7.66 3.65 -7.01
CA GLU A 8 8.17 3.19 -5.69
C GLU A 8 7.21 3.65 -4.59
N VAL A 9 6.79 4.91 -4.61
CA VAL A 9 5.83 5.43 -3.58
C VAL A 9 4.52 4.65 -3.77
N PHE A 10 4.10 4.50 -5.00
CA PHE A 10 2.85 3.75 -5.36
C PHE A 10 2.97 2.30 -4.85
N TRP A 11 4.12 1.69 -5.05
CA TRP A 11 4.36 0.29 -4.60
C TRP A 11 4.09 0.14 -3.11
N ALA A 12 4.64 1.01 -2.29
CA ALA A 12 4.39 0.92 -0.82
C ALA A 12 2.94 1.30 -0.51
N LYS A 13 2.39 2.28 -1.21
CA LYS A 13 0.98 2.71 -0.99
C LYS A 13 0.07 1.50 -1.30
N HIS A 14 0.28 0.86 -2.43
CA HIS A 14 -0.53 -0.33 -2.82
C HIS A 14 -0.29 -1.47 -1.81
N MET A 15 0.96 -1.69 -1.44
CA MET A 15 1.29 -2.78 -0.45
C MET A 15 0.63 -2.44 0.90
N TRP A 16 0.86 -1.25 1.42
CA TRP A 16 0.24 -0.84 2.71
C TRP A 16 -1.29 -0.87 2.57
N ASN A 17 -1.81 -0.54 1.42
CA ASN A 17 -3.29 -0.56 1.20
C ASN A 17 -3.78 -2.00 1.38
N PHE A 18 -3.02 -2.97 0.90
CA PHE A 18 -3.37 -4.42 1.04
C PHE A 18 -3.42 -4.73 2.54
N ILE A 19 -2.49 -4.17 3.28
CA ILE A 19 -2.40 -4.37 4.75
C ILE A 19 -3.57 -3.61 5.41
N SER A 20 -3.90 -2.42 4.95
CA SER A 20 -5.01 -1.61 5.53
C SER A 20 -6.36 -2.36 5.45
N GLY A 21 -6.63 -3.01 4.33
CA GLY A 21 -7.92 -3.77 4.18
C GLY A 21 -7.94 -4.91 5.20
N ILE A 22 -6.85 -5.63 5.30
CA ILE A 22 -6.76 -6.78 6.28
C ILE A 22 -6.81 -6.21 7.70
N GLN A 23 -6.06 -5.15 7.97
CA GLN A 23 -6.04 -4.52 9.33
C GLN A 23 -7.44 -4.02 9.72
N TYR A 24 -8.13 -3.45 8.78
CA TYR A 24 -9.50 -2.93 9.03
C TYR A 24 -10.43 -4.08 9.41
N LEU A 25 -10.28 -5.23 8.79
CA LEU A 25 -11.16 -6.40 9.12
C LEU A 25 -10.75 -7.03 10.46
N ALA A 26 -9.49 -7.04 10.80
CA ALA A 26 -9.01 -7.63 12.09
C ALA A 26 -9.90 -7.21 13.27
N GLY A 27 -10.14 -5.93 13.38
CA GLY A 27 -11.01 -5.38 14.47
C GLY A 27 -11.36 -3.93 14.11
N LEU A 28 -11.86 -3.70 12.91
CA LEU A 28 -12.21 -2.33 12.44
C LEU A 28 -10.96 -1.43 12.53
N SER A 29 -9.79 -1.99 12.24
CA SER A 29 -8.49 -1.25 12.30
C SER A 29 -8.19 -0.74 13.73
N THR A 30 -8.54 -1.51 14.73
CA THR A 30 -8.29 -1.12 16.15
C THR A 30 -7.42 -2.20 16.80
N GLN A 1 11.61 4.74 -18.74
CA GLN A 1 11.57 4.68 -17.25
C GLN A 1 12.43 5.82 -16.66
N THR A 2 11.77 6.68 -15.91
CA THR A 2 12.47 7.83 -15.27
C THR A 2 12.52 7.54 -13.75
N ASN A 3 11.97 8.39 -12.92
CA ASN A 3 11.97 8.15 -11.44
C ASN A 3 10.54 8.08 -10.90
N TRP A 4 9.63 8.82 -11.48
CA TRP A 4 8.19 8.82 -11.04
C TRP A 4 7.67 7.38 -11.12
N GLN A 5 7.96 6.71 -12.22
CA GLN A 5 7.52 5.29 -12.42
C GLN A 5 8.01 4.43 -11.23
N LYS A 6 9.21 4.69 -10.75
CA LYS A 6 9.75 3.92 -9.59
C LYS A 6 8.93 4.27 -8.33
N LEU A 7 8.53 5.51 -8.18
CA LEU A 7 7.72 5.93 -7.01
C LEU A 7 6.28 5.39 -7.11
N GLU A 8 5.76 5.18 -8.31
CA GLU A 8 4.37 4.64 -8.46
C GLU A 8 4.38 3.18 -7.99
N VAL A 9 5.40 2.43 -8.35
CA VAL A 9 5.52 1.00 -7.92
C VAL A 9 5.69 1.02 -6.40
N PHE A 10 6.52 1.91 -5.92
CA PHE A 10 6.79 2.07 -4.45
C PHE A 10 5.46 2.46 -3.76
N TRP A 11 4.74 3.38 -4.35
CA TRP A 11 3.43 3.85 -3.80
C TRP A 11 2.46 2.69 -3.61
N ALA A 12 2.17 1.92 -4.64
CA ALA A 12 1.22 0.78 -4.49
C ALA A 12 1.66 -0.17 -3.35
N LYS A 13 2.94 -0.41 -3.21
CA LYS A 13 3.45 -1.30 -2.13
C LYS A 13 3.20 -0.63 -0.77
N HIS A 14 3.42 0.66 -0.69
CA HIS A 14 3.21 1.43 0.57
C HIS A 14 1.70 1.55 0.84
N MET A 15 0.94 1.90 -0.18
CA MET A 15 -0.54 2.04 -0.06
C MET A 15 -1.15 0.68 0.32
N TRP A 16 -0.80 -0.39 -0.38
CA TRP A 16 -1.37 -1.73 -0.03
C TRP A 16 -1.00 -2.10 1.41
N ASN A 17 0.11 -1.61 1.93
CA ASN A 17 0.51 -1.91 3.33
C ASN A 17 -0.52 -1.25 4.25
N PHE A 18 -0.90 -0.02 3.94
CA PHE A 18 -1.91 0.72 4.75
C PHE A 18 -3.22 -0.10 4.70
N ILE A 19 -3.54 -0.64 3.55
CA ILE A 19 -4.78 -1.47 3.37
C ILE A 19 -4.60 -2.80 4.12
N SER A 20 -3.42 -3.39 4.08
CA SER A 20 -3.17 -4.68 4.79
C SER A 20 -3.44 -4.52 6.30
N GLY A 21 -3.03 -3.43 6.89
CA GLY A 21 -3.28 -3.19 8.35
C GLY A 21 -4.79 -3.04 8.58
N ILE A 22 -5.44 -2.23 7.78
CA ILE A 22 -6.92 -2.02 7.91
C ILE A 22 -7.64 -3.36 7.64
N GLN A 23 -7.20 -4.13 6.66
CA GLN A 23 -7.83 -5.45 6.35
C GLN A 23 -7.81 -6.36 7.58
N TYR A 24 -6.75 -6.30 8.35
CA TYR A 24 -6.65 -7.15 9.59
C TYR A 24 -7.68 -6.62 10.59
N LEU A 25 -7.67 -5.33 10.84
CA LEU A 25 -8.64 -4.70 11.79
C LEU A 25 -10.07 -4.96 11.30
N ALA A 26 -10.32 -4.87 10.02
CA ALA A 26 -11.67 -5.12 9.45
C ALA A 26 -12.15 -6.53 9.82
N GLY A 27 -11.23 -7.49 9.90
CA GLY A 27 -11.59 -8.89 10.26
C GLY A 27 -11.88 -9.04 11.76
N LEU A 28 -11.38 -8.17 12.62
CA LEU A 28 -11.66 -8.30 14.10
C LEU A 28 -12.64 -7.24 14.63
N SER A 29 -13.33 -6.52 13.76
CA SER A 29 -14.32 -5.49 14.21
C SER A 29 -15.57 -6.13 14.82
N THR A 30 -16.01 -7.25 14.28
CA THR A 30 -17.22 -7.97 14.79
C THR A 30 -16.86 -9.35 15.35
N GLN A 1 17.63 7.52 -12.20
CA GLN A 1 16.50 7.37 -11.23
C GLN A 1 15.89 8.73 -10.90
N THR A 2 14.58 8.83 -10.89
CA THR A 2 13.90 10.13 -10.57
C THR A 2 12.61 9.89 -9.78
N ASN A 3 11.44 9.92 -10.40
CA ASN A 3 10.16 9.70 -9.67
C ASN A 3 9.74 8.21 -9.68
N TRP A 4 10.45 7.38 -10.41
CA TRP A 4 10.11 5.92 -10.46
C TRP A 4 10.36 5.33 -9.07
N GLN A 5 11.55 5.49 -8.54
CA GLN A 5 11.85 4.95 -7.18
C GLN A 5 10.82 5.52 -6.18
N LYS A 6 10.44 6.78 -6.33
CA LYS A 6 9.43 7.41 -5.43
C LYS A 6 8.09 6.69 -5.65
N LEU A 7 7.75 6.39 -6.89
CA LEU A 7 6.48 5.68 -7.24
C LEU A 7 6.57 4.24 -6.70
N GLU A 8 7.72 3.60 -6.80
CA GLU A 8 7.88 2.20 -6.29
C GLU A 8 7.58 2.18 -4.79
N VAL A 9 8.11 3.12 -4.04
CA VAL A 9 7.86 3.19 -2.56
C VAL A 9 6.35 3.46 -2.37
N PHE A 10 5.81 4.37 -3.16
CA PHE A 10 4.36 4.74 -3.10
C PHE A 10 3.52 3.49 -3.41
N TRP A 11 3.86 2.80 -4.48
CA TRP A 11 3.15 1.56 -4.92
C TRP A 11 3.16 0.51 -3.82
N ALA A 12 4.30 0.24 -3.21
CA ALA A 12 4.34 -0.78 -2.12
C ALA A 12 3.38 -0.40 -0.98
N LYS A 13 3.40 0.85 -0.55
CA LYS A 13 2.48 1.30 0.55
C LYS A 13 1.03 1.16 0.04
N HIS A 14 0.79 1.58 -1.19
CA HIS A 14 -0.57 1.49 -1.80
C HIS A 14 -1.00 0.02 -1.87
N MET A 15 -0.15 -0.83 -2.40
CA MET A 15 -0.46 -2.29 -2.50
C MET A 15 -0.63 -2.87 -1.08
N TRP A 16 0.24 -2.52 -0.15
CA TRP A 16 0.11 -3.05 1.25
C TRP A 16 -1.19 -2.53 1.87
N ASN A 17 -1.62 -1.32 1.53
CA ASN A 17 -2.89 -0.77 2.09
C ASN A 17 -4.05 -1.63 1.55
N PHE A 18 -3.95 -2.07 0.31
CA PHE A 18 -5.00 -2.92 -0.33
C PHE A 18 -5.02 -4.32 0.34
N ILE A 19 -3.99 -4.66 1.10
CA ILE A 19 -3.90 -5.98 1.79
C ILE A 19 -4.11 -5.78 3.30
N SER A 20 -3.52 -4.78 3.90
CA SER A 20 -3.70 -4.53 5.37
C SER A 20 -5.07 -3.93 5.64
N GLY A 21 -5.45 -2.91 4.90
CA GLY A 21 -6.78 -2.25 5.08
C GLY A 21 -7.87 -3.29 4.84
N ILE A 22 -7.76 -4.05 3.78
CA ILE A 22 -8.77 -5.11 3.47
C ILE A 22 -8.75 -6.18 4.58
N GLN A 23 -7.57 -6.64 4.98
CA GLN A 23 -7.47 -7.68 6.06
C GLN A 23 -8.08 -7.14 7.36
N TYR A 24 -7.78 -5.91 7.69
CA TYR A 24 -8.31 -5.27 8.93
C TYR A 24 -9.86 -5.26 8.92
N LEU A 25 -10.43 -4.87 7.80
CA LEU A 25 -11.92 -4.82 7.66
C LEU A 25 -12.57 -6.21 7.76
N ALA A 26 -11.89 -7.27 7.36
CA ALA A 26 -12.43 -8.67 7.41
C ALA A 26 -13.32 -8.90 8.65
N GLY A 27 -12.82 -8.46 9.79
CA GLY A 27 -13.54 -8.57 11.09
C GLY A 27 -12.64 -7.93 12.14
N LEU A 28 -12.19 -6.72 11.88
CA LEU A 28 -11.28 -5.99 12.81
C LEU A 28 -10.05 -6.89 13.07
N SER A 29 -9.51 -7.45 12.01
CA SER A 29 -8.33 -8.36 12.13
C SER A 29 -7.01 -7.60 12.29
N THR A 30 -6.35 -7.20 11.22
CA THR A 30 -5.06 -6.46 11.37
C THR A 30 -5.03 -5.24 10.44
N GLN A 1 -16.55 -4.15 16.30
CA GLN A 1 -15.10 -4.38 16.06
C GLN A 1 -14.90 -5.59 15.13
N THR A 2 -14.27 -5.38 14.00
CA THR A 2 -14.04 -6.50 13.03
C THR A 2 -12.55 -6.87 12.92
N ASN A 3 -11.69 -5.87 12.84
CA ASN A 3 -10.21 -6.02 12.72
C ASN A 3 -9.83 -6.39 11.29
N TRP A 4 -10.43 -7.42 10.74
CA TRP A 4 -10.13 -7.84 9.32
C TRP A 4 -10.43 -6.65 8.40
N GLN A 5 -11.55 -5.99 8.60
CA GLN A 5 -11.94 -4.81 7.77
C GLN A 5 -10.83 -3.75 7.89
N LYS A 6 -10.20 -3.64 9.04
CA LYS A 6 -9.10 -2.64 9.25
C LYS A 6 -7.81 -3.22 8.66
N LEU A 7 -7.58 -4.51 8.81
CA LEU A 7 -6.36 -5.19 8.28
C LEU A 7 -6.32 -5.09 6.75
N GLU A 8 -7.43 -5.15 6.07
CA GLU A 8 -7.42 -5.06 4.56
C GLU A 8 -6.99 -3.63 4.18
N VAL A 9 -7.58 -2.64 4.82
CA VAL A 9 -7.22 -1.20 4.54
C VAL A 9 -5.74 -1.05 4.92
N PHE A 10 -5.35 -1.62 6.04
CA PHE A 10 -3.94 -1.55 6.53
C PHE A 10 -3.03 -2.25 5.49
N TRP A 11 -3.38 -3.44 5.09
CA TRP A 11 -2.57 -4.21 4.09
C TRP A 11 -2.46 -3.42 2.79
N ALA A 12 -3.57 -2.98 2.24
CA ALA A 12 -3.52 -2.20 0.97
C ALA A 12 -2.63 -0.95 1.09
N LYS A 13 -2.57 -0.31 2.23
CA LYS A 13 -1.71 0.91 2.40
C LYS A 13 -0.24 0.47 2.27
N HIS A 14 0.15 -0.60 2.94
CA HIS A 14 1.55 -1.11 2.86
C HIS A 14 1.77 -1.68 1.45
N MET A 15 0.80 -2.40 0.92
CA MET A 15 0.91 -3.00 -0.45
C MET A 15 1.05 -1.86 -1.46
N TRP A 16 0.19 -0.86 -1.41
CA TRP A 16 0.30 0.28 -2.38
C TRP A 16 1.60 1.04 -2.10
N ASN A 17 2.06 1.07 -0.86
CA ASN A 17 3.33 1.78 -0.53
C ASN A 17 4.47 1.03 -1.26
N PHE A 18 4.39 -0.29 -1.29
CA PHE A 18 5.45 -1.10 -2.00
C PHE A 18 5.38 -0.70 -3.49
N ILE A 19 4.18 -0.61 -4.02
CA ILE A 19 3.96 -0.21 -5.44
C ILE A 19 4.43 1.24 -5.63
N SER A 20 4.14 2.10 -4.66
CA SER A 20 4.54 3.54 -4.70
C SER A 20 6.04 3.68 -4.89
N GLY A 21 6.84 2.89 -4.20
CA GLY A 21 8.33 2.96 -4.33
C GLY A 21 8.74 2.44 -5.72
N ILE A 22 8.22 1.31 -6.13
CA ILE A 22 8.54 0.73 -7.48
C ILE A 22 8.10 1.73 -8.57
N GLN A 23 6.89 2.24 -8.46
CA GLN A 23 6.36 3.23 -9.45
C GLN A 23 7.21 4.50 -9.45
N TYR A 24 7.63 4.94 -8.28
CA TYR A 24 8.47 6.16 -8.16
C TYR A 24 9.86 5.90 -8.74
N LEU A 25 10.51 4.83 -8.38
CA LEU A 25 11.87 4.52 -8.92
C LEU A 25 11.86 4.30 -10.44
N ALA A 26 10.76 3.87 -11.02
CA ALA A 26 10.67 3.63 -12.50
C ALA A 26 11.30 4.78 -13.31
N GLY A 27 11.06 6.00 -12.87
CA GLY A 27 11.61 7.22 -13.53
C GLY A 27 11.09 8.43 -12.75
N LEU A 28 11.30 8.44 -11.45
CA LEU A 28 10.84 9.54 -10.56
C LEU A 28 9.32 9.67 -10.67
N SER A 29 8.62 8.54 -10.70
CA SER A 29 7.12 8.45 -10.81
C SER A 29 6.65 8.91 -12.20
N THR A 30 6.85 10.15 -12.55
CA THR A 30 6.41 10.68 -13.88
C THR A 30 7.60 11.29 -14.65
N GLN A 1 17.54 6.82 -13.57
CA GLN A 1 16.23 6.62 -12.89
C GLN A 1 15.17 7.56 -13.49
N THR A 2 13.94 7.10 -13.51
CA THR A 2 12.82 7.92 -14.07
C THR A 2 11.54 7.70 -13.24
N ASN A 3 10.48 7.17 -13.80
CA ASN A 3 9.23 6.94 -13.01
C ASN A 3 9.33 5.70 -12.12
N TRP A 4 10.38 4.91 -12.23
CA TRP A 4 10.51 3.70 -11.36
C TRP A 4 10.60 4.17 -9.91
N GLN A 5 11.44 5.15 -9.66
CA GLN A 5 11.60 5.73 -8.29
C GLN A 5 10.21 6.22 -7.83
N LYS A 6 9.48 6.88 -8.70
CA LYS A 6 8.12 7.39 -8.37
C LYS A 6 7.15 6.22 -8.19
N LEU A 7 7.27 5.19 -9.01
CA LEU A 7 6.38 3.99 -8.92
C LEU A 7 6.61 3.29 -7.57
N GLU A 8 7.82 3.19 -7.08
CA GLU A 8 8.06 2.51 -5.76
C GLU A 8 7.25 3.26 -4.68
N VAL A 9 7.25 4.57 -4.71
CA VAL A 9 6.47 5.37 -3.70
C VAL A 9 4.98 5.07 -3.94
N PHE A 10 4.58 5.04 -5.19
CA PHE A 10 3.16 4.74 -5.58
C PHE A 10 2.81 3.30 -5.15
N TRP A 11 3.68 2.36 -5.41
CA TRP A 11 3.45 0.93 -5.05
C TRP A 11 3.32 0.77 -3.53
N ALA A 12 4.17 1.40 -2.77
CA ALA A 12 4.08 1.28 -1.28
C ALA A 12 2.71 1.78 -0.79
N LYS A 13 2.25 2.88 -1.35
CA LYS A 13 0.92 3.45 -0.98
C LYS A 13 -0.17 2.42 -1.34
N HIS A 14 -0.06 1.84 -2.51
CA HIS A 14 -1.04 0.81 -2.99
C HIS A 14 -0.95 -0.44 -2.08
N MET A 15 0.25 -0.92 -1.84
CA MET A 15 0.45 -2.13 -0.96
C MET A 15 -0.01 -1.79 0.47
N TRP A 16 0.35 -0.64 0.99
CA TRP A 16 -0.07 -0.25 2.37
C TRP A 16 -1.61 -0.20 2.43
N ASN A 17 -2.24 0.20 1.34
CA ASN A 17 -3.74 0.26 1.28
C ASN A 17 -4.28 -1.18 1.44
N PHE A 18 -3.65 -2.13 0.78
CA PHE A 18 -4.06 -3.57 0.88
C PHE A 18 -3.94 -3.96 2.37
N ILE A 19 -2.88 -3.52 3.01
CA ILE A 19 -2.63 -3.80 4.45
C ILE A 19 -3.72 -3.07 5.27
N SER A 20 -4.09 -1.86 4.90
CA SER A 20 -5.14 -1.10 5.65
C SER A 20 -6.45 -1.90 5.65
N GLY A 21 -6.82 -2.51 4.54
CA GLY A 21 -8.08 -3.31 4.47
C GLY A 21 -7.97 -4.49 5.46
N ILE A 22 -6.84 -5.17 5.45
CA ILE A 22 -6.63 -6.33 6.37
C ILE A 22 -6.56 -5.79 7.82
N GLN A 23 -5.80 -4.75 8.05
CA GLN A 23 -5.66 -4.14 9.40
C GLN A 23 -7.01 -3.58 9.89
N TYR A 24 -7.84 -3.13 8.99
CA TYR A 24 -9.19 -2.58 9.34
C TYR A 24 -10.01 -3.73 9.95
N LEU A 25 -10.20 -4.82 9.23
CA LEU A 25 -10.98 -5.98 9.76
C LEU A 25 -10.26 -6.56 10.98
N ALA A 26 -8.96 -6.77 10.90
CA ALA A 26 -8.19 -7.33 12.05
C ALA A 26 -8.34 -6.42 13.28
N GLY A 27 -8.38 -5.11 13.08
CA GLY A 27 -8.52 -4.15 14.20
C GLY A 27 -10.00 -4.02 14.63
N LEU A 28 -10.94 -4.38 13.79
CA LEU A 28 -12.39 -4.27 14.16
C LEU A 28 -12.94 -5.68 14.48
N SER A 29 -12.24 -6.41 15.31
CA SER A 29 -12.67 -7.79 15.68
C SER A 29 -13.41 -7.79 17.03
N THR A 30 -12.82 -7.22 18.06
CA THR A 30 -13.46 -7.17 19.41
C THR A 30 -13.30 -5.77 20.02
N GLN A 1 12.86 6.74 -17.39
CA GLN A 1 13.02 5.52 -16.52
C GLN A 1 13.41 5.94 -15.10
N THR A 2 12.56 6.69 -14.43
CA THR A 2 12.87 7.12 -13.05
C THR A 2 12.15 6.25 -12.03
N ASN A 3 12.91 5.74 -11.10
CA ASN A 3 12.38 4.86 -10.01
C ASN A 3 11.30 5.59 -9.20
N TRP A 4 11.40 6.90 -9.13
CA TRP A 4 10.41 7.74 -8.38
C TRP A 4 9.04 7.51 -9.02
N GLN A 5 8.93 7.70 -10.31
CA GLN A 5 7.63 7.48 -11.03
C GLN A 5 7.04 6.13 -10.61
N LYS A 6 7.86 5.09 -10.52
CA LYS A 6 7.35 3.76 -10.11
C LYS A 6 7.04 3.79 -8.60
N LEU A 7 7.89 4.41 -7.82
CA LEU A 7 7.70 4.53 -6.33
C LEU A 7 6.42 5.31 -6.01
N GLU A 8 6.08 6.32 -6.78
CA GLU A 8 4.84 7.12 -6.52
C GLU A 8 3.61 6.21 -6.71
N VAL A 9 3.58 5.46 -7.80
CA VAL A 9 2.43 4.52 -8.06
C VAL A 9 2.48 3.46 -6.94
N PHE A 10 3.65 2.95 -6.67
CA PHE A 10 3.86 1.93 -5.60
C PHE A 10 3.44 2.52 -4.25
N TRP A 11 3.74 3.79 -4.03
CA TRP A 11 3.41 4.49 -2.75
C TRP A 11 1.96 4.28 -2.33
N ALA A 12 1.00 4.60 -3.16
CA ALA A 12 -0.43 4.40 -2.77
C ALA A 12 -0.74 2.91 -2.69
N LYS A 13 -0.18 2.09 -3.56
CA LYS A 13 -0.44 0.62 -3.52
C LYS A 13 0.07 0.10 -2.17
N HIS A 14 1.29 0.46 -1.82
CA HIS A 14 1.91 0.03 -0.52
C HIS A 14 1.07 0.64 0.61
N MET A 15 0.77 1.92 0.53
CA MET A 15 -0.04 2.62 1.59
C MET A 15 -1.40 1.94 1.73
N TRP A 16 -2.11 1.71 0.65
CA TRP A 16 -3.44 1.04 0.73
C TRP A 16 -3.24 -0.39 1.21
N ASN A 17 -2.15 -1.02 0.85
CA ASN A 17 -1.89 -2.43 1.30
C ASN A 17 -1.79 -2.40 2.83
N PHE A 18 -1.20 -1.35 3.39
CA PHE A 18 -1.08 -1.22 4.87
C PHE A 18 -2.52 -1.10 5.42
N ILE A 19 -3.32 -0.26 4.81
CA ILE A 19 -4.74 -0.06 5.22
C ILE A 19 -5.51 -1.39 5.05
N SER A 20 -5.21 -2.15 4.01
CA SER A 20 -5.91 -3.46 3.78
C SER A 20 -5.62 -4.41 4.95
N GLY A 21 -4.39 -4.46 5.43
CA GLY A 21 -4.02 -5.34 6.57
C GLY A 21 -4.74 -4.86 7.84
N ILE A 22 -4.75 -3.56 8.07
CA ILE A 22 -5.43 -2.98 9.29
C ILE A 22 -6.94 -3.26 9.17
N GLN A 23 -7.52 -3.03 8.00
CA GLN A 23 -8.98 -3.27 7.79
C GLN A 23 -9.34 -4.73 8.12
N TYR A 24 -8.45 -5.64 7.82
CA TYR A 24 -8.68 -7.10 8.10
C TYR A 24 -8.56 -7.35 9.61
N LEU A 25 -7.57 -6.77 10.25
CA LEU A 25 -7.35 -6.95 11.73
C LEU A 25 -8.57 -6.61 12.60
N ALA A 26 -9.46 -5.73 12.16
CA ALA A 26 -10.68 -5.35 12.97
C ALA A 26 -11.35 -6.57 13.61
N GLY A 27 -11.41 -7.67 12.89
CA GLY A 27 -12.03 -8.93 13.39
C GLY A 27 -11.89 -9.97 12.26
N LEU A 28 -10.68 -10.18 11.78
CA LEU A 28 -10.42 -11.16 10.66
C LEU A 28 -11.30 -10.80 9.45
N SER A 29 -11.47 -9.50 9.17
CA SER A 29 -12.30 -9.03 8.02
C SER A 29 -13.76 -9.49 8.17
N THR A 30 -14.52 -9.50 7.10
CA THR A 30 -15.94 -9.94 7.15
C THR A 30 -16.11 -11.26 6.39
N GLN A 1 -14.39 -12.42 14.81
CA GLN A 1 -14.40 -10.96 15.18
C GLN A 1 -12.96 -10.44 15.30
N THR A 2 -12.20 -10.55 14.23
CA THR A 2 -10.80 -10.07 14.23
C THR A 2 -10.65 -8.91 13.24
N ASN A 3 -9.99 -7.88 13.67
CA ASN A 3 -9.78 -6.69 12.78
C ASN A 3 -8.56 -6.91 11.86
N TRP A 4 -7.80 -7.96 12.06
CA TRP A 4 -6.60 -8.24 11.21
C TRP A 4 -7.06 -8.43 9.76
N GLN A 5 -8.13 -9.18 9.54
CA GLN A 5 -8.65 -9.39 8.15
C GLN A 5 -8.86 -8.02 7.49
N LYS A 6 -9.50 -7.11 8.18
CA LYS A 6 -9.75 -5.73 7.64
C LYS A 6 -8.43 -4.95 7.58
N LEU A 7 -7.56 -5.13 8.57
CA LEU A 7 -6.23 -4.43 8.62
C LEU A 7 -5.37 -4.92 7.44
N GLU A 8 -5.46 -6.17 7.06
CA GLU A 8 -4.66 -6.71 5.91
C GLU A 8 -5.19 -6.04 4.63
N VAL A 9 -6.49 -5.93 4.47
CA VAL A 9 -7.07 -5.27 3.25
C VAL A 9 -6.61 -3.80 3.31
N PHE A 10 -6.72 -3.19 4.46
CA PHE A 10 -6.29 -1.77 4.68
C PHE A 10 -4.80 -1.68 4.31
N TRP A 11 -4.02 -2.61 4.81
CA TRP A 11 -2.54 -2.65 4.54
C TRP A 11 -2.29 -2.71 3.04
N ALA A 12 -2.92 -3.63 2.33
CA ALA A 12 -2.69 -3.73 0.86
C ALA A 12 -2.97 -2.40 0.17
N LYS A 13 -4.02 -1.69 0.54
CA LYS A 13 -4.33 -0.36 -0.08
C LYS A 13 -3.15 0.59 0.19
N HIS A 14 -2.69 0.63 1.42
CA HIS A 14 -1.54 1.50 1.82
C HIS A 14 -0.27 1.01 1.11
N MET A 15 -0.03 -0.29 1.15
CA MET A 15 1.17 -0.91 0.48
C MET A 15 1.14 -0.62 -1.02
N TRP A 16 0.00 -0.82 -1.67
CA TRP A 16 -0.09 -0.55 -3.14
C TRP A 16 0.18 0.94 -3.38
N ASN A 17 -0.27 1.80 -2.50
CA ASN A 17 -0.03 3.26 -2.68
C ASN A 17 1.48 3.52 -2.56
N PHE A 18 2.15 2.84 -1.66
CA PHE A 18 3.63 3.00 -1.48
C PHE A 18 4.30 2.65 -2.82
N ILE A 19 3.81 1.63 -3.48
CA ILE A 19 4.35 1.19 -4.81
C ILE A 19 4.05 2.29 -5.84
N SER A 20 2.87 2.90 -5.79
CA SER A 20 2.51 3.98 -6.76
C SER A 20 3.50 5.15 -6.63
N GLY A 21 3.90 5.50 -5.42
CA GLY A 21 4.86 6.61 -5.20
C GLY A 21 6.19 6.21 -5.85
N ILE A 22 6.64 4.99 -5.62
CA ILE A 22 7.92 4.50 -6.22
C ILE A 22 7.73 4.45 -7.75
N GLN A 23 6.57 4.05 -8.23
CA GLN A 23 6.29 3.98 -9.70
C GLN A 23 6.52 5.35 -10.35
N TYR A 24 6.12 6.41 -9.68
CA TYR A 24 6.30 7.80 -10.20
C TYR A 24 7.82 8.09 -10.24
N LEU A 25 8.52 7.78 -9.17
CA LEU A 25 10.00 8.01 -9.11
C LEU A 25 10.69 7.14 -10.17
N ALA A 26 10.22 5.91 -10.34
CA ALA A 26 10.82 4.98 -11.37
C ALA A 26 10.75 5.63 -12.76
N GLY A 27 9.70 6.36 -13.06
CA GLY A 27 9.55 7.04 -14.38
C GLY A 27 10.40 8.32 -14.44
N LEU A 28 10.81 8.86 -13.31
CA LEU A 28 11.65 10.11 -13.30
C LEU A 28 13.12 9.74 -13.05
N SER A 29 13.64 8.79 -13.78
CA SER A 29 15.06 8.35 -13.63
C SER A 29 15.96 9.01 -14.69
N THR A 30 17.13 8.45 -14.94
CA THR A 30 18.06 9.02 -15.96
C THR A 30 17.74 8.49 -17.36
N GLN A 1 -16.93 -7.99 14.90
CA GLN A 1 -16.82 -6.50 15.05
C GLN A 1 -15.37 -6.01 15.21
N THR A 2 -14.39 -6.78 14.79
CA THR A 2 -12.97 -6.34 14.91
C THR A 2 -12.58 -5.49 13.71
N ASN A 3 -11.99 -4.34 13.97
CA ASN A 3 -11.53 -3.41 12.90
C ASN A 3 -10.20 -3.87 12.28
N TRP A 4 -9.58 -4.91 12.82
CA TRP A 4 -8.29 -5.44 12.27
C TRP A 4 -8.52 -5.89 10.83
N GLN A 5 -9.62 -6.57 10.58
CA GLN A 5 -9.96 -7.04 9.21
C GLN A 5 -9.87 -5.86 8.23
N LYS A 6 -10.41 -4.72 8.62
CA LYS A 6 -10.36 -3.49 7.76
C LYS A 6 -8.90 -3.05 7.59
N LEU A 7 -8.11 -3.10 8.64
CA LEU A 7 -6.67 -2.68 8.57
C LEU A 7 -5.92 -3.62 7.61
N GLU A 8 -6.24 -4.90 7.58
CA GLU A 8 -5.55 -5.86 6.66
C GLU A 8 -5.85 -5.44 5.21
N VAL A 9 -7.09 -5.08 4.93
CA VAL A 9 -7.48 -4.65 3.55
C VAL A 9 -6.71 -3.36 3.28
N PHE A 10 -6.71 -2.45 4.23
CA PHE A 10 -5.99 -1.15 4.12
C PHE A 10 -4.49 -1.44 3.91
N TRP A 11 -3.95 -2.33 4.70
CA TRP A 11 -2.51 -2.72 4.62
C TRP A 11 -2.12 -3.16 3.22
N ALA A 12 -2.88 -4.01 2.58
CA ALA A 12 -2.51 -4.45 1.20
C ALA A 12 -2.50 -3.23 0.26
N LYS A 13 -3.48 -2.36 0.37
CA LYS A 13 -3.54 -1.13 -0.49
C LYS A 13 -2.36 -0.22 -0.09
N HIS A 14 -2.08 -0.12 1.19
CA HIS A 14 -0.96 0.72 1.72
C HIS A 14 0.36 0.14 1.20
N MET A 15 0.58 -1.15 1.41
CA MET A 15 1.83 -1.82 0.94
C MET A 15 1.89 -1.74 -0.59
N TRP A 16 0.76 -1.88 -1.26
CA TRP A 16 0.73 -1.79 -2.76
C TRP A 16 1.12 -0.35 -3.12
N ASN A 17 0.55 0.62 -2.44
CA ASN A 17 0.86 2.04 -2.73
C ASN A 17 2.37 2.26 -2.53
N PHE A 18 2.94 1.68 -1.49
CA PHE A 18 4.41 1.81 -1.22
C PHE A 18 5.15 1.30 -2.47
N ILE A 19 4.68 0.20 -3.01
CA ILE A 19 5.26 -0.43 -4.23
C ILE A 19 5.01 0.48 -5.44
N SER A 20 3.81 1.01 -5.58
CA SER A 20 3.46 1.92 -6.71
C SER A 20 4.34 3.18 -6.68
N GLY A 21 4.62 3.72 -5.51
CA GLY A 21 5.47 4.94 -5.38
C GLY A 21 6.89 4.62 -5.89
N ILE A 22 7.46 3.53 -5.42
CA ILE A 22 8.84 3.12 -5.86
C ILE A 22 8.78 2.77 -7.35
N GLN A 23 7.74 2.06 -7.77
CA GLN A 23 7.56 1.66 -9.20
C GLN A 23 7.56 2.91 -10.09
N TYR A 24 6.87 3.94 -9.67
CA TYR A 24 6.80 5.22 -10.43
C TYR A 24 8.21 5.82 -10.57
N LEU A 25 8.95 5.87 -9.50
CA LEU A 25 10.35 6.43 -9.51
C LEU A 25 11.26 5.57 -10.40
N ALA A 26 11.07 4.27 -10.40
CA ALA A 26 11.91 3.34 -11.24
C ALA A 26 11.79 3.76 -12.72
N GLY A 27 10.59 3.98 -13.19
CA GLY A 27 10.37 4.40 -14.61
C GLY A 27 10.73 5.89 -14.78
N LEU A 28 10.62 6.70 -13.75
CA LEU A 28 10.95 8.15 -13.84
C LEU A 28 12.13 8.46 -12.90
N SER A 29 13.25 7.80 -13.12
CA SER A 29 14.46 7.99 -12.26
C SER A 29 15.09 9.39 -12.45
N THR A 30 15.14 9.89 -13.68
CA THR A 30 15.72 11.22 -14.00
C THR A 30 17.20 11.30 -13.56
N GLN A 1 14.20 2.47 -17.57
CA GLN A 1 13.80 2.05 -16.19
C GLN A 1 14.20 3.11 -15.14
N THR A 2 13.56 4.25 -15.18
CA THR A 2 13.89 5.35 -14.22
C THR A 2 12.84 5.41 -13.10
N ASN A 3 11.78 6.17 -13.26
CA ASN A 3 10.73 6.25 -12.19
C ASN A 3 9.84 5.00 -12.13
N TRP A 4 9.97 4.05 -13.01
CA TRP A 4 9.13 2.81 -12.98
C TRP A 4 9.49 2.03 -11.71
N GLN A 5 10.75 1.66 -11.55
CA GLN A 5 11.22 0.92 -10.35
C GLN A 5 10.87 1.77 -9.12
N LYS A 6 11.09 3.06 -9.21
CA LYS A 6 10.78 3.99 -8.09
C LYS A 6 9.27 4.03 -7.85
N LEU A 7 8.45 3.93 -8.87
CA LEU A 7 6.96 3.96 -8.70
C LEU A 7 6.51 2.72 -7.92
N GLU A 8 7.05 1.55 -8.19
CA GLU A 8 6.64 0.32 -7.44
C GLU A 8 7.01 0.50 -5.96
N VAL A 9 8.20 0.97 -5.67
CA VAL A 9 8.63 1.18 -4.25
C VAL A 9 7.70 2.25 -3.66
N PHE A 10 7.43 3.30 -4.42
CA PHE A 10 6.54 4.41 -4.00
C PHE A 10 5.14 3.84 -3.75
N TRP A 11 4.63 3.10 -4.71
CA TRP A 11 3.27 2.47 -4.62
C TRP A 11 3.17 1.56 -3.41
N ALA A 12 4.18 0.78 -3.09
CA ALA A 12 4.12 -0.14 -1.92
C ALA A 12 3.71 0.61 -0.65
N LYS A 13 4.14 1.83 -0.47
CA LYS A 13 3.76 2.64 0.74
C LYS A 13 2.22 2.83 0.74
N HIS A 14 1.67 3.20 -0.39
CA HIS A 14 0.19 3.40 -0.53
C HIS A 14 -0.51 2.04 -0.49
N MET A 15 -0.01 1.10 -1.27
CA MET A 15 -0.58 -0.28 -1.33
C MET A 15 -0.54 -0.93 0.06
N TRP A 16 0.53 -0.80 0.80
CA TRP A 16 0.58 -1.42 2.17
C TRP A 16 -0.47 -0.72 3.05
N ASN A 17 -0.73 0.55 2.82
CA ASN A 17 -1.75 1.28 3.63
C ASN A 17 -3.12 0.65 3.32
N PHE A 18 -3.33 0.17 2.11
CA PHE A 18 -4.62 -0.47 1.74
C PHE A 18 -4.71 -1.76 2.58
N ILE A 19 -3.64 -2.52 2.61
CA ILE A 19 -3.59 -3.79 3.40
C ILE A 19 -3.72 -3.45 4.90
N SER A 20 -3.08 -2.41 5.38
CA SER A 20 -3.17 -2.02 6.82
C SER A 20 -4.60 -1.60 7.19
N GLY A 21 -5.36 -0.99 6.30
CA GLY A 21 -6.75 -0.56 6.61
C GLY A 21 -7.60 -1.82 6.83
N ILE A 22 -7.52 -2.76 5.91
CA ILE A 22 -8.30 -4.03 6.02
C ILE A 22 -7.81 -4.79 7.26
N GLN A 23 -6.49 -4.87 7.45
CA GLN A 23 -5.92 -5.58 8.63
C GLN A 23 -6.37 -4.91 9.93
N TYR A 24 -6.39 -3.59 9.96
CA TYR A 24 -6.82 -2.81 11.16
C TYR A 24 -8.26 -3.20 11.53
N LEU A 25 -9.14 -3.29 10.57
CA LEU A 25 -10.56 -3.67 10.85
C LEU A 25 -10.61 -5.09 11.42
N ALA A 26 -9.83 -6.01 10.89
CA ALA A 26 -9.82 -7.41 11.39
C ALA A 26 -9.41 -7.41 12.88
N GLY A 27 -8.42 -6.62 13.23
CA GLY A 27 -7.95 -6.54 14.66
C GLY A 27 -8.96 -5.74 15.51
N LEU A 28 -9.63 -4.77 14.93
CA LEU A 28 -10.63 -3.94 15.68
C LEU A 28 -12.05 -4.46 15.41
N SER A 29 -12.25 -5.75 15.47
CA SER A 29 -13.60 -6.35 15.22
C SER A 29 -14.51 -6.07 16.43
N THR A 30 -15.59 -5.37 16.21
CA THR A 30 -16.55 -5.03 17.30
C THR A 30 -17.95 -4.73 16.74
N GLN A 1 10.85 9.78 -11.85
CA GLN A 1 11.44 11.12 -11.56
C GLN A 1 10.34 12.15 -11.22
N THR A 2 10.74 13.33 -10.80
CA THR A 2 9.79 14.44 -10.44
C THR A 2 8.78 13.99 -9.37
N ASN A 3 7.58 13.62 -9.74
CA ASN A 3 6.53 13.16 -8.78
C ASN A 3 6.47 11.63 -8.77
N TRP A 4 6.85 11.00 -9.86
CA TRP A 4 6.84 9.51 -9.95
C TRP A 4 7.71 8.95 -8.83
N GLN A 5 8.91 9.47 -8.66
CA GLN A 5 9.82 9.00 -7.57
C GLN A 5 9.06 8.93 -6.24
N LYS A 6 8.34 9.98 -5.90
CA LYS A 6 7.53 10.02 -4.64
C LYS A 6 6.36 9.04 -4.75
N LEU A 7 5.73 8.95 -5.91
CA LEU A 7 4.58 8.02 -6.13
C LEU A 7 5.04 6.55 -6.06
N GLU A 8 6.21 6.22 -6.55
CA GLU A 8 6.71 4.82 -6.51
C GLU A 8 6.93 4.40 -5.05
N VAL A 9 7.58 5.23 -4.27
CA VAL A 9 7.83 4.93 -2.82
C VAL A 9 6.44 4.86 -2.15
N PHE A 10 5.57 5.78 -2.50
CA PHE A 10 4.18 5.82 -1.95
C PHE A 10 3.45 4.53 -2.36
N TRP A 11 3.60 4.14 -3.60
CA TRP A 11 2.95 2.91 -4.16
C TRP A 11 3.22 1.67 -3.31
N ALA A 12 4.44 1.42 -2.91
CA ALA A 12 4.71 0.20 -2.06
C ALA A 12 3.90 0.30 -0.76
N LYS A 13 3.90 1.45 -0.12
CA LYS A 13 3.13 1.63 1.14
C LYS A 13 1.63 1.55 0.81
N HIS A 14 1.21 2.17 -0.26
CA HIS A 14 -0.23 2.14 -0.70
C HIS A 14 -0.63 0.67 -0.94
N MET A 15 0.18 -0.06 -1.68
CA MET A 15 -0.09 -1.50 -1.97
C MET A 15 -0.03 -2.27 -0.64
N TRP A 16 0.95 -2.03 0.19
CA TRP A 16 1.05 -2.74 1.50
C TRP A 16 -0.17 -2.40 2.35
N ASN A 17 -0.73 -1.21 2.21
CA ASN A 17 -1.93 -0.82 3.01
C ASN A 17 -3.07 -1.76 2.59
N PHE A 18 -3.18 -2.03 1.30
CA PHE A 18 -4.24 -2.95 0.77
C PHE A 18 -3.98 -4.34 1.40
N ILE A 19 -2.72 -4.72 1.47
CA ILE A 19 -2.30 -6.03 2.06
C ILE A 19 -2.59 -5.98 3.58
N SER A 20 -2.37 -4.85 4.22
CA SER A 20 -2.62 -4.73 5.69
C SER A 20 -4.10 -5.01 6.01
N GLY A 21 -5.01 -4.56 5.17
CA GLY A 21 -6.46 -4.81 5.42
C GLY A 21 -6.70 -6.31 5.24
N ILE A 22 -6.12 -6.89 4.21
CA ILE A 22 -6.28 -8.36 3.94
C ILE A 22 -5.59 -9.15 5.06
N GLN A 23 -4.38 -8.79 5.43
CA GLN A 23 -3.64 -9.51 6.53
C GLN A 23 -4.41 -9.47 7.86
N TYR A 24 -5.19 -8.44 8.09
CA TYR A 24 -5.98 -8.33 9.35
C TYR A 24 -6.97 -9.51 9.39
N LEU A 25 -7.67 -9.73 8.30
CA LEU A 25 -8.65 -10.86 8.24
C LEU A 25 -7.88 -12.17 8.05
N ALA A 26 -6.88 -12.18 7.20
CA ALA A 26 -6.07 -13.43 6.98
C ALA A 26 -5.43 -13.91 8.28
N GLY A 27 -4.98 -12.99 9.11
CA GLY A 27 -4.34 -13.35 10.42
C GLY A 27 -5.35 -13.41 11.57
N LEU A 28 -6.46 -12.69 11.53
CA LEU A 28 -7.46 -12.75 12.66
C LEU A 28 -8.82 -13.28 12.21
N SER A 29 -8.88 -14.07 11.16
CA SER A 29 -10.17 -14.65 10.63
C SER A 29 -11.18 -13.55 10.26
N THR A 30 -12.43 -13.91 10.08
CA THR A 30 -13.48 -12.92 9.70
C THR A 30 -14.34 -12.59 10.93
N GLN A 1 15.90 7.86 -15.18
CA GLN A 1 14.85 7.96 -14.12
C GLN A 1 13.54 8.52 -14.69
N THR A 2 12.43 8.09 -14.12
CA THR A 2 11.08 8.55 -14.57
C THR A 2 10.06 8.24 -13.47
N ASN A 3 9.06 7.43 -13.75
CA ASN A 3 8.03 7.07 -12.72
C ASN A 3 8.59 6.15 -11.62
N TRP A 4 9.77 5.61 -11.80
CA TRP A 4 10.41 4.72 -10.78
C TRP A 4 10.50 5.48 -9.45
N GLN A 5 10.89 6.74 -9.49
CA GLN A 5 10.99 7.56 -8.24
C GLN A 5 9.63 7.52 -7.51
N LYS A 6 8.56 7.75 -8.24
CA LYS A 6 7.19 7.71 -7.64
C LYS A 6 6.76 6.27 -7.35
N LEU A 7 7.25 5.30 -8.09
CA LEU A 7 6.90 3.86 -7.89
C LEU A 7 7.32 3.42 -6.49
N GLU A 8 8.47 3.85 -5.99
CA GLU A 8 8.92 3.45 -4.62
C GLU A 8 7.93 4.05 -3.60
N VAL A 9 7.60 5.31 -3.75
CA VAL A 9 6.63 5.98 -2.83
C VAL A 9 5.29 5.24 -2.98
N PHE A 10 4.93 4.93 -4.20
CA PHE A 10 3.66 4.20 -4.51
C PHE A 10 3.74 2.79 -3.87
N TRP A 11 4.87 2.14 -4.02
CA TRP A 11 5.09 0.77 -3.47
C TRP A 11 4.73 0.66 -1.98
N ALA A 12 5.22 1.53 -1.13
CA ALA A 12 4.87 1.42 0.32
C ALA A 12 3.37 1.69 0.52
N LYS A 13 2.82 2.66 -0.17
CA LYS A 13 1.36 2.96 -0.05
C LYS A 13 0.56 1.78 -0.61
N HIS A 14 0.94 1.27 -1.75
CA HIS A 14 0.23 0.11 -2.38
C HIS A 14 0.41 -1.12 -1.49
N MET A 15 1.60 -1.37 -0.98
CA MET A 15 1.83 -2.56 -0.10
C MET A 15 0.98 -2.37 1.17
N TRP A 16 1.06 -1.22 1.82
CA TRP A 16 0.25 -0.98 3.05
C TRP A 16 -1.24 -1.01 2.67
N ASN A 17 -1.59 -0.60 1.48
CA ASN A 17 -3.01 -0.62 1.03
C ASN A 17 -3.46 -2.09 1.01
N PHE A 18 -2.60 -2.99 0.58
CA PHE A 18 -2.94 -4.44 0.55
C PHE A 18 -3.15 -4.88 2.01
N ILE A 19 -2.32 -4.39 2.90
CA ILE A 19 -2.42 -4.71 4.36
C ILE A 19 -3.70 -4.08 4.92
N SER A 20 -4.03 -2.87 4.53
CA SER A 20 -5.27 -2.19 5.05
C SER A 20 -6.52 -2.98 4.62
N GLY A 21 -6.53 -3.56 3.44
CA GLY A 21 -7.72 -4.35 2.97
C GLY A 21 -7.83 -5.61 3.84
N ILE A 22 -6.73 -6.30 4.06
CA ILE A 22 -6.71 -7.53 4.90
C ILE A 22 -7.04 -7.15 6.36
N GLN A 23 -6.46 -6.07 6.85
CA GLN A 23 -6.72 -5.61 8.26
C GLN A 23 -8.20 -5.25 8.42
N TYR A 24 -8.76 -4.58 7.44
CA TYR A 24 -10.20 -4.17 7.48
C TYR A 24 -11.09 -5.40 7.63
N LEU A 25 -10.90 -6.41 6.81
CA LEU A 25 -11.73 -7.66 6.89
C LEU A 25 -11.34 -8.56 8.07
N ALA A 26 -10.08 -8.61 8.43
CA ALA A 26 -9.57 -9.45 9.56
C ALA A 26 -10.57 -9.51 10.73
N GLY A 27 -11.01 -8.36 11.17
CA GLY A 27 -11.99 -8.28 12.29
C GLY A 27 -12.55 -6.85 12.30
N LEU A 28 -12.92 -6.34 11.13
CA LEU A 28 -13.46 -4.95 11.01
C LEU A 28 -12.42 -3.95 11.57
N SER A 29 -11.15 -4.25 11.44
CA SER A 29 -10.09 -3.35 11.95
C SER A 29 -9.82 -2.23 10.94
N THR A 30 -10.48 -1.12 11.14
CA THR A 30 -10.32 0.06 10.23
C THR A 30 -9.23 0.99 10.77
N GLN A 1 14.39 10.07 -13.86
CA GLN A 1 14.08 8.66 -13.44
C GLN A 1 14.36 8.46 -11.94
N THR A 2 13.93 9.36 -11.10
CA THR A 2 14.16 9.22 -9.64
C THR A 2 12.86 8.95 -8.90
N ASN A 3 12.85 7.90 -8.11
CA ASN A 3 11.66 7.48 -7.31
C ASN A 3 10.39 7.39 -8.19
N TRP A 4 10.57 7.11 -9.46
CA TRP A 4 9.45 6.97 -10.43
C TRP A 4 9.34 5.47 -10.67
N GLN A 5 10.46 4.87 -11.02
CA GLN A 5 10.56 3.40 -11.27
C GLN A 5 10.03 2.67 -10.03
N LYS A 6 10.36 3.13 -8.84
CA LYS A 6 9.87 2.47 -7.60
C LYS A 6 8.42 2.87 -7.27
N LEU A 7 7.93 3.99 -7.80
CA LEU A 7 6.53 4.45 -7.54
C LEU A 7 5.48 3.43 -7.98
N GLU A 8 5.67 2.70 -9.06
CA GLU A 8 4.64 1.69 -9.48
C GLU A 8 4.55 0.60 -8.42
N VAL A 9 5.67 0.03 -8.05
CA VAL A 9 5.70 -1.05 -7.00
C VAL A 9 5.18 -0.42 -5.69
N PHE A 10 5.59 0.80 -5.41
CA PHE A 10 5.15 1.53 -4.19
C PHE A 10 3.64 1.76 -4.26
N TRP A 11 3.12 2.11 -5.41
CA TRP A 11 1.64 2.35 -5.57
C TRP A 11 0.83 1.16 -5.06
N ALA A 12 1.19 -0.04 -5.43
CA ALA A 12 0.41 -1.22 -4.94
C ALA A 12 0.72 -1.44 -3.45
N LYS A 13 1.95 -1.27 -3.03
CA LYS A 13 2.32 -1.45 -1.60
C LYS A 13 1.60 -0.40 -0.74
N HIS A 14 1.61 0.83 -1.19
CA HIS A 14 0.93 1.95 -0.45
C HIS A 14 -0.59 1.72 -0.50
N MET A 15 -1.14 1.40 -1.65
CA MET A 15 -2.62 1.16 -1.76
C MET A 15 -2.98 -0.07 -0.90
N TRP A 16 -2.21 -1.13 -1.00
CA TRP A 16 -2.51 -2.35 -0.17
C TRP A 16 -2.28 -2.02 1.30
N ASN A 17 -1.34 -1.15 1.61
CA ASN A 17 -1.09 -0.77 3.04
C ASN A 17 -2.38 -0.13 3.57
N PHE A 18 -3.03 0.67 2.75
CA PHE A 18 -4.32 1.34 3.14
C PHE A 18 -5.31 0.20 3.44
N ILE A 19 -5.36 -0.78 2.57
CA ILE A 19 -6.28 -1.96 2.74
C ILE A 19 -5.85 -2.74 4.00
N SER A 20 -4.56 -2.88 4.25
CA SER A 20 -4.06 -3.63 5.46
C SER A 20 -4.65 -2.99 6.73
N GLY A 21 -4.69 -1.68 6.81
CA GLY A 21 -5.26 -0.98 8.01
C GLY A 21 -6.76 -1.28 8.08
N ILE A 22 -7.46 -1.16 6.96
CA ILE A 22 -8.93 -1.44 6.93
C ILE A 22 -9.17 -2.91 7.30
N GLN A 23 -8.37 -3.81 6.79
CA GLN A 23 -8.51 -5.27 7.09
C GLN A 23 -8.38 -5.54 8.60
N TYR A 24 -7.57 -4.79 9.29
CA TYR A 24 -7.39 -4.96 10.77
C TYR A 24 -8.65 -4.46 11.49
N LEU A 25 -9.21 -3.36 11.04
CA LEU A 25 -10.45 -2.81 11.69
C LEU A 25 -11.72 -3.53 11.21
N ALA A 26 -11.64 -4.34 10.18
CA ALA A 26 -12.84 -5.08 9.66
C ALA A 26 -13.10 -6.36 10.47
N GLY A 27 -12.98 -6.31 11.77
CA GLY A 27 -13.21 -7.48 12.66
C GLY A 27 -11.89 -8.04 13.18
N LEU A 28 -10.90 -7.20 13.43
CA LEU A 28 -9.56 -7.66 13.93
C LEU A 28 -9.00 -8.80 13.07
N SER A 29 -9.09 -8.69 11.76
CA SER A 29 -8.57 -9.75 10.84
C SER A 29 -7.08 -9.53 10.58
N THR A 30 -6.30 -10.59 10.53
CA THR A 30 -4.83 -10.48 10.28
C THR A 30 -4.37 -11.54 9.25
N GLN A 1 -14.83 -2.72 17.28
CA GLN A 1 -13.56 -2.59 16.51
C GLN A 1 -12.45 -3.48 17.11
N THR A 2 -11.54 -3.92 16.28
CA THR A 2 -10.40 -4.79 16.74
C THR A 2 -9.25 -4.78 15.72
N ASN A 3 -8.94 -5.87 15.09
CA ASN A 3 -7.83 -5.94 14.09
C ASN A 3 -8.12 -5.19 12.77
N TRP A 4 -9.26 -4.57 12.62
CA TRP A 4 -9.60 -3.82 11.37
C TRP A 4 -8.56 -2.70 11.21
N GLN A 5 -8.31 -1.98 12.28
CA GLN A 5 -7.30 -0.87 12.28
C GLN A 5 -5.96 -1.45 11.80
N LYS A 6 -5.61 -2.63 12.29
CA LYS A 6 -4.33 -3.31 11.88
C LYS A 6 -4.43 -3.74 10.41
N LEU A 7 -5.57 -4.24 9.99
CA LEU A 7 -5.77 -4.69 8.57
C LEU A 7 -5.65 -3.51 7.61
N GLU A 8 -6.09 -2.32 7.98
CA GLU A 8 -6.00 -1.14 7.08
C GLU A 8 -4.51 -0.74 6.96
N VAL A 9 -3.79 -0.70 8.06
CA VAL A 9 -2.34 -0.35 8.05
C VAL A 9 -1.63 -1.43 7.21
N PHE A 10 -2.03 -2.68 7.41
CA PHE A 10 -1.47 -3.86 6.68
C PHE A 10 -1.76 -3.64 5.20
N TRP A 11 -3.03 -3.53 4.84
CA TRP A 11 -3.47 -3.32 3.42
C TRP A 11 -2.74 -2.12 2.82
N ALA A 12 -2.72 -0.99 3.51
CA ALA A 12 -2.04 0.23 2.97
C ALA A 12 -0.58 -0.07 2.59
N LYS A 13 0.09 -0.97 3.27
CA LYS A 13 1.51 -1.30 2.92
C LYS A 13 1.52 -2.00 1.55
N HIS A 14 0.57 -2.88 1.32
CA HIS A 14 0.47 -3.60 0.01
C HIS A 14 -0.05 -2.61 -1.04
N MET A 15 -1.11 -1.92 -0.70
CA MET A 15 -1.75 -0.91 -1.60
C MET A 15 -0.74 0.18 -1.98
N TRP A 16 0.05 0.69 -1.05
CA TRP A 16 1.05 1.75 -1.40
C TRP A 16 2.13 1.12 -2.29
N ASN A 17 2.45 -0.15 -2.08
CA ASN A 17 3.48 -0.81 -2.92
C ASN A 17 2.97 -0.82 -4.38
N PHE A 18 1.68 -1.06 -4.55
CA PHE A 18 1.06 -1.07 -5.92
C PHE A 18 1.28 0.34 -6.49
N ILE A 19 1.03 1.35 -5.70
CA ILE A 19 1.21 2.78 -6.13
C ILE A 19 2.71 3.02 -6.37
N SER A 20 3.58 2.47 -5.55
CA SER A 20 5.06 2.65 -5.70
C SER A 20 5.52 2.20 -7.10
N GLY A 21 5.10 1.04 -7.55
CA GLY A 21 5.49 0.52 -8.90
C GLY A 21 4.97 1.49 -9.97
N ILE A 22 3.70 1.87 -9.88
CA ILE A 22 3.09 2.83 -10.86
C ILE A 22 3.85 4.16 -10.74
N GLN A 23 4.23 4.54 -9.54
CA GLN A 23 4.98 5.83 -9.33
C GLN A 23 6.49 5.50 -9.37
N TYR A 24 6.90 4.72 -10.33
CA TYR A 24 8.34 4.34 -10.48
C TYR A 24 8.62 4.03 -11.96
N LEU A 25 7.88 3.13 -12.56
CA LEU A 25 8.09 2.77 -14.01
C LEU A 25 7.98 3.98 -14.94
N ALA A 26 7.24 5.01 -14.57
CA ALA A 26 7.08 6.21 -15.44
C ALA A 26 8.30 7.14 -15.34
N GLY A 27 9.48 6.59 -15.49
CA GLY A 27 10.75 7.37 -15.42
C GLY A 27 11.50 7.12 -14.11
N LEU A 28 11.58 5.90 -13.64
CA LEU A 28 12.29 5.56 -12.36
C LEU A 28 11.89 6.53 -11.22
N SER A 29 10.61 6.78 -11.06
CA SER A 29 10.13 7.73 -9.99
C SER A 29 10.07 7.06 -8.60
N THR A 30 9.67 7.82 -7.61
CA THR A 30 9.56 7.31 -6.19
C THR A 30 8.31 7.85 -5.48
N GLN A 1 -13.05 -13.29 14.23
CA GLN A 1 -12.59 -13.65 12.84
C GLN A 1 -13.07 -12.61 11.81
N THR A 2 -12.96 -11.34 12.11
CA THR A 2 -13.39 -10.30 11.15
C THR A 2 -12.26 -10.01 10.16
N ASN A 3 -12.57 -9.95 8.90
CA ASN A 3 -11.53 -9.66 7.86
C ASN A 3 -11.27 -8.15 7.77
N TRP A 4 -12.08 -7.32 8.40
CA TRP A 4 -11.87 -5.83 8.36
C TRP A 4 -10.44 -5.53 8.82
N GLN A 5 -10.06 -6.03 9.98
CA GLN A 5 -8.68 -5.81 10.52
C GLN A 5 -7.65 -6.21 9.44
N LYS A 6 -7.86 -7.35 8.83
CA LYS A 6 -6.95 -7.87 7.75
C LYS A 6 -7.03 -6.95 6.53
N LEU A 7 -8.19 -6.44 6.19
CA LEU A 7 -8.35 -5.52 5.02
C LEU A 7 -7.65 -4.20 5.32
N GLU A 8 -7.76 -3.67 6.52
CA GLU A 8 -7.10 -2.38 6.86
C GLU A 8 -5.57 -2.52 6.68
N VAL A 9 -5.00 -3.62 7.16
CA VAL A 9 -3.53 -3.87 7.01
C VAL A 9 -3.26 -4.04 5.50
N PHE A 10 -4.11 -4.79 4.84
CA PHE A 10 -3.99 -5.04 3.36
C PHE A 10 -4.08 -3.69 2.63
N TRP A 11 -5.06 -2.88 2.99
CA TRP A 11 -5.28 -1.54 2.37
C TRP A 11 -4.05 -0.65 2.56
N ALA A 12 -3.47 -0.64 3.75
CA ALA A 12 -2.26 0.20 4.00
C ALA A 12 -1.13 -0.25 3.06
N LYS A 13 -0.97 -1.55 2.90
CA LYS A 13 0.09 -2.10 2.00
C LYS A 13 -0.21 -1.62 0.57
N HIS A 14 -1.46 -1.71 0.16
CA HIS A 14 -1.89 -1.26 -1.20
C HIS A 14 -1.62 0.25 -1.33
N MET A 15 -2.05 1.03 -0.35
CA MET A 15 -1.83 2.51 -0.37
C MET A 15 -0.33 2.83 -0.36
N TRP A 16 0.43 2.20 0.50
CA TRP A 16 1.91 2.46 0.55
C TRP A 16 2.55 1.93 -0.73
N ASN A 17 2.05 0.84 -1.28
CA ASN A 17 2.63 0.29 -2.55
C ASN A 17 2.43 1.33 -3.65
N PHE A 18 1.33 2.06 -3.62
CA PHE A 18 1.06 3.12 -4.64
C PHE A 18 2.14 4.19 -4.46
N ILE A 19 2.45 4.51 -3.22
CA ILE A 19 3.50 5.52 -2.88
C ILE A 19 4.86 4.94 -3.28
N SER A 20 5.13 3.70 -2.93
CA SER A 20 6.43 3.04 -3.29
C SER A 20 6.57 2.95 -4.81
N GLY A 21 5.50 2.62 -5.50
CA GLY A 21 5.52 2.51 -7.00
C GLY A 21 5.94 3.85 -7.59
N ILE A 22 5.27 4.93 -7.19
CA ILE A 22 5.62 6.29 -7.71
C ILE A 22 7.02 6.68 -7.24
N GLN A 23 7.37 6.39 -6.00
CA GLN A 23 8.74 6.73 -5.47
C GLN A 23 9.83 6.16 -6.39
N TYR A 24 9.62 4.96 -6.87
CA TYR A 24 10.59 4.28 -7.79
C TYR A 24 10.43 4.84 -9.21
N LEU A 25 9.21 4.95 -9.69
CA LEU A 25 8.95 5.47 -11.06
C LEU A 25 9.43 6.92 -11.27
N ALA A 26 9.70 7.68 -10.23
CA ALA A 26 10.16 9.09 -10.38
C ALA A 26 11.67 9.17 -10.72
N GLY A 27 12.10 8.36 -11.67
CA GLY A 27 13.54 8.33 -12.10
C GLY A 27 14.21 7.04 -11.62
N LEU A 28 13.53 5.91 -11.66
CA LEU A 28 14.10 4.60 -11.19
C LEU A 28 14.75 4.73 -9.80
N SER A 29 14.08 5.39 -8.88
CA SER A 29 14.62 5.57 -7.50
C SER A 29 14.15 4.43 -6.58
N THR A 30 14.11 4.63 -5.29
CA THR A 30 13.65 3.54 -4.36
C THR A 30 12.73 4.12 -3.29
N GLN A 1 -14.93 -9.30 15.49
CA GLN A 1 -13.76 -9.30 14.55
C GLN A 1 -14.11 -9.98 13.23
N THR A 2 -13.64 -9.40 12.14
CA THR A 2 -13.90 -9.94 10.77
C THR A 2 -12.93 -9.28 9.77
N ASN A 3 -13.43 -8.59 8.77
CA ASN A 3 -12.55 -7.91 7.75
C ASN A 3 -11.62 -6.86 8.37
N TRP A 4 -11.92 -6.38 9.56
CA TRP A 4 -11.05 -5.36 10.25
C TRP A 4 -9.63 -5.93 10.40
N GLN A 5 -9.53 -7.19 10.79
CA GLN A 5 -8.19 -7.83 10.94
C GLN A 5 -7.47 -7.76 9.59
N LYS A 6 -8.18 -8.04 8.52
CA LYS A 6 -7.59 -7.99 7.14
C LYS A 6 -7.39 -6.52 6.71
N LEU A 7 -8.15 -5.58 7.27
CA LEU A 7 -8.04 -4.13 6.93
C LEU A 7 -6.64 -3.58 7.20
N GLU A 8 -5.97 -3.97 8.26
CA GLU A 8 -4.60 -3.44 8.55
C GLU A 8 -3.65 -3.87 7.42
N VAL A 9 -3.67 -5.14 7.06
CA VAL A 9 -2.79 -5.65 5.97
C VAL A 9 -3.28 -5.02 4.66
N PHE A 10 -4.57 -4.95 4.47
CA PHE A 10 -5.18 -4.35 3.23
C PHE A 10 -4.73 -2.88 3.11
N TRP A 11 -4.80 -2.12 4.17
CA TRP A 11 -4.40 -0.69 4.14
C TRP A 11 -2.93 -0.57 3.71
N ALA A 12 -2.06 -1.37 4.29
CA ALA A 12 -0.62 -1.32 3.93
C ALA A 12 -0.40 -1.68 2.45
N LYS A 13 -1.22 -2.52 1.86
CA LYS A 13 -1.05 -2.88 0.42
C LYS A 13 -1.29 -1.62 -0.43
N HIS A 14 -2.41 -0.95 -0.20
CA HIS A 14 -2.72 0.30 -0.96
C HIS A 14 -1.68 1.37 -0.58
N MET A 15 -1.30 1.43 0.68
CA MET A 15 -0.29 2.42 1.16
C MET A 15 1.06 2.13 0.48
N TRP A 16 1.52 0.89 0.52
CA TRP A 16 2.82 0.54 -0.15
C TRP A 16 2.68 0.77 -1.66
N ASN A 17 1.49 0.60 -2.21
CA ASN A 17 1.28 0.83 -3.67
C ASN A 17 1.52 2.32 -3.95
N PHE A 18 1.14 3.19 -3.03
CA PHE A 18 1.35 4.66 -3.19
C PHE A 18 2.87 4.90 -3.27
N ILE A 19 3.62 4.20 -2.43
CA ILE A 19 5.11 4.32 -2.42
C ILE A 19 5.63 3.68 -3.72
N SER A 20 5.10 2.54 -4.10
CA SER A 20 5.54 1.85 -5.35
C SER A 20 5.24 2.75 -6.56
N GLY A 21 4.11 3.43 -6.57
CA GLY A 21 3.74 4.34 -7.70
C GLY A 21 4.79 5.45 -7.79
N ILE A 22 5.10 6.10 -6.69
CA ILE A 22 6.12 7.20 -6.69
C ILE A 22 7.49 6.63 -7.11
N GLN A 23 7.83 5.43 -6.69
CA GLN A 23 9.14 4.79 -7.06
C GLN A 23 9.27 4.64 -8.58
N TYR A 24 8.15 4.53 -9.27
CA TYR A 24 8.14 4.39 -10.75
C TYR A 24 7.99 5.77 -11.39
N LEU A 25 7.05 6.56 -10.91
CA LEU A 25 6.82 7.93 -11.45
C LEU A 25 7.99 8.88 -11.21
N ALA A 26 8.82 8.66 -10.21
CA ALA A 26 10.01 9.55 -9.92
C ALA A 26 10.75 9.91 -11.22
N GLY A 27 10.85 8.93 -12.09
CA GLY A 27 11.54 9.08 -13.41
C GLY A 27 11.82 7.67 -13.93
N LEU A 28 10.81 6.80 -13.93
CA LEU A 28 10.95 5.39 -14.40
C LEU A 28 12.08 4.68 -13.62
N SER A 29 12.16 4.89 -12.32
CA SER A 29 13.22 4.22 -11.50
C SER A 29 12.86 2.76 -11.19
N THR A 30 11.71 2.52 -10.62
CA THR A 30 11.28 1.12 -10.28
C THR A 30 9.76 1.02 -10.48
N GLN A 1 14.73 6.55 -17.25
CA GLN A 1 13.66 6.41 -16.21
C GLN A 1 13.48 7.70 -15.42
N THR A 2 12.39 7.79 -14.70
CA THR A 2 12.07 8.99 -13.87
C THR A 2 11.35 8.54 -12.57
N ASN A 3 10.11 8.91 -12.38
CA ASN A 3 9.36 8.49 -11.14
C ASN A 3 9.02 6.99 -11.13
N TRP A 4 9.20 6.29 -12.23
CA TRP A 4 8.90 4.83 -12.28
C TRP A 4 9.85 4.10 -11.32
N GLN A 5 11.12 4.46 -11.31
CA GLN A 5 12.11 3.82 -10.39
C GLN A 5 11.61 4.00 -8.95
N LYS A 6 11.13 5.18 -8.60
CA LYS A 6 10.62 5.42 -7.22
C LYS A 6 9.17 4.92 -7.07
N LEU A 7 8.44 4.76 -8.16
CA LEU A 7 7.03 4.28 -8.12
C LEU A 7 6.96 2.89 -7.49
N GLU A 8 7.88 1.98 -7.75
CA GLU A 8 7.81 0.62 -7.12
C GLU A 8 7.80 0.76 -5.59
N VAL A 9 8.77 1.45 -5.04
CA VAL A 9 8.84 1.67 -3.55
C VAL A 9 7.57 2.40 -3.11
N PHE A 10 7.16 3.40 -3.86
CA PHE A 10 5.93 4.19 -3.54
C PHE A 10 4.70 3.26 -3.58
N TRP A 11 4.59 2.49 -4.63
CA TRP A 11 3.46 1.52 -4.83
C TRP A 11 3.34 0.54 -3.67
N ALA A 12 4.40 -0.13 -3.29
CA ALA A 12 4.34 -1.11 -2.16
C ALA A 12 3.85 -0.42 -0.87
N LYS A 13 4.33 0.78 -0.60
CA LYS A 13 3.90 1.52 0.63
C LYS A 13 2.38 1.78 0.55
N HIS A 14 1.91 2.20 -0.60
CA HIS A 14 0.45 2.47 -0.80
C HIS A 14 -0.32 1.14 -0.78
N MET A 15 0.19 0.14 -1.47
CA MET A 15 -0.46 -1.20 -1.54
C MET A 15 -0.52 -1.80 -0.13
N TRP A 16 0.57 -1.78 0.62
CA TRP A 16 0.56 -2.35 2.00
C TRP A 16 -0.45 -1.57 2.86
N ASN A 17 -0.63 -0.29 2.61
CA ASN A 17 -1.62 0.51 3.40
C ASN A 17 -3.00 -0.09 3.13
N PHE A 18 -3.30 -0.42 1.89
CA PHE A 18 -4.62 -1.03 1.55
C PHE A 18 -4.73 -2.34 2.35
N ILE A 19 -3.67 -3.12 2.37
CA ILE A 19 -3.67 -4.42 3.13
C ILE A 19 -3.78 -4.14 4.64
N SER A 20 -3.06 -3.16 5.15
CA SER A 20 -3.13 -2.83 6.62
C SER A 20 -4.52 -2.30 6.96
N GLY A 21 -5.07 -1.40 6.16
CA GLY A 21 -6.43 -0.84 6.41
C GLY A 21 -7.46 -1.97 6.32
N ILE A 22 -7.38 -2.79 5.30
CA ILE A 22 -8.35 -3.93 5.13
C ILE A 22 -8.16 -4.91 6.30
N GLN A 23 -6.92 -5.22 6.66
CA GLN A 23 -6.65 -6.16 7.81
C GLN A 23 -7.26 -5.62 9.11
N TYR A 24 -7.19 -4.33 9.32
CA TYR A 24 -7.76 -3.69 10.55
C TYR A 24 -9.26 -3.97 10.59
N LEU A 25 -9.96 -3.71 9.51
CA LEU A 25 -11.44 -3.96 9.46
C LEU A 25 -11.71 -5.47 9.49
N ALA A 26 -10.97 -6.25 8.72
CA ALA A 26 -11.16 -7.73 8.68
C ALA A 26 -10.96 -8.34 10.07
N GLY A 27 -10.08 -7.77 10.87
CA GLY A 27 -9.82 -8.29 12.25
C GLY A 27 -10.71 -7.58 13.29
N LEU A 28 -11.12 -6.35 13.06
CA LEU A 28 -11.99 -5.63 14.05
C LEU A 28 -13.47 -5.62 13.61
N SER A 29 -13.93 -6.61 12.88
CA SER A 29 -15.35 -6.65 12.43
C SER A 29 -16.23 -7.36 13.47
N THR A 30 -17.31 -6.73 13.89
CA THR A 30 -18.23 -7.34 14.91
C THR A 30 -19.65 -7.49 14.34
N GLN A 1 -14.77 -8.80 15.14
CA GLN A 1 -13.58 -8.71 14.25
C GLN A 1 -13.66 -9.76 13.14
N THR A 2 -13.10 -9.46 11.99
CA THR A 2 -13.11 -10.41 10.82
C THR A 2 -12.08 -9.94 9.78
N ASN A 3 -12.53 -9.58 8.59
CA ASN A 3 -11.62 -9.10 7.49
C ASN A 3 -10.97 -7.74 7.80
N TRP A 4 -11.50 -7.00 8.75
CA TRP A 4 -10.92 -5.67 9.11
C TRP A 4 -9.46 -5.85 9.54
N GLN A 5 -9.19 -6.86 10.35
CA GLN A 5 -7.79 -7.13 10.82
C GLN A 5 -6.90 -7.35 9.57
N LYS A 6 -7.41 -8.11 8.62
CA LYS A 6 -6.63 -8.37 7.36
C LYS A 6 -6.59 -7.09 6.50
N LEU A 7 -7.63 -6.29 6.50
CA LEU A 7 -7.62 -5.02 5.70
C LEU A 7 -6.57 -4.06 6.27
N GLU A 8 -6.37 -4.04 7.57
CA GLU A 8 -5.34 -3.13 8.19
C GLU A 8 -3.95 -3.61 7.73
N VAL A 9 -3.70 -4.89 7.75
CA VAL A 9 -2.39 -5.45 7.31
C VAL A 9 -2.28 -5.14 5.81
N PHE A 10 -3.35 -5.39 5.07
CA PHE A 10 -3.42 -5.12 3.60
C PHE A 10 -3.15 -3.62 3.38
N TRP A 11 -3.77 -2.77 4.17
CA TRP A 11 -3.62 -1.30 4.07
C TRP A 11 -2.14 -0.90 4.12
N ALA A 12 -1.39 -1.36 5.09
CA ALA A 12 0.05 -0.98 5.17
C ALA A 12 0.76 -1.41 3.87
N LYS A 13 0.47 -2.60 3.39
CA LYS A 13 1.10 -3.10 2.13
C LYS A 13 0.60 -2.22 0.98
N HIS A 14 -0.68 -1.91 0.95
CA HIS A 14 -1.28 -1.05 -0.12
C HIS A 14 -0.62 0.34 -0.07
N MET A 15 -0.57 0.95 1.10
CA MET A 15 0.06 2.30 1.25
C MET A 15 1.53 2.21 0.82
N TRP A 16 2.22 1.18 1.24
CA TRP A 16 3.66 1.01 0.86
C TRP A 16 3.75 0.76 -0.64
N ASN A 17 2.77 0.08 -1.22
CA ASN A 17 2.78 -0.19 -2.70
C ASN A 17 2.63 1.16 -3.40
N PHE A 18 1.80 2.04 -2.87
CA PHE A 18 1.61 3.40 -3.46
C PHE A 18 2.98 4.12 -3.44
N ILE A 19 3.72 3.90 -2.37
CA ILE A 19 5.08 4.52 -2.20
C ILE A 19 6.03 3.95 -3.25
N SER A 20 6.09 2.64 -3.43
CA SER A 20 7.01 2.04 -4.45
C SER A 20 6.61 2.49 -5.87
N GLY A 21 5.34 2.72 -6.13
CA GLY A 21 4.88 3.16 -7.49
C GLY A 21 5.49 4.55 -7.76
N ILE A 22 5.35 5.46 -6.82
CA ILE A 22 5.92 6.83 -6.97
C ILE A 22 7.44 6.71 -7.03
N GLN A 23 8.04 5.89 -6.19
CA GLN A 23 9.53 5.70 -6.19
C GLN A 23 9.98 5.17 -7.56
N TYR A 24 9.22 4.26 -8.12
CA TYR A 24 9.52 3.65 -9.45
C TYR A 24 9.34 4.71 -10.54
N LEU A 25 8.21 5.39 -10.58
CA LEU A 25 7.97 6.43 -11.62
C LEU A 25 8.98 7.58 -11.46
N ALA A 26 9.33 7.95 -10.25
CA ALA A 26 10.34 9.04 -10.03
C ALA A 26 11.64 8.76 -10.80
N GLY A 27 12.05 7.51 -10.87
CA GLY A 27 13.29 7.12 -11.60
C GLY A 27 12.96 6.72 -13.06
N LEU A 28 11.82 6.12 -13.30
CA LEU A 28 11.44 5.71 -14.70
C LEU A 28 10.54 6.74 -15.40
N SER A 29 10.61 8.00 -15.01
CA SER A 29 9.79 9.11 -15.61
C SER A 29 8.28 8.89 -15.39
N THR A 30 7.57 8.24 -16.29
CA THR A 30 6.10 8.00 -16.13
C THR A 30 5.72 6.53 -16.36
#